data_8HGW
#
_entry.id   8HGW
#
_cell.length_a   76.95
_cell.length_b   48.95
_cell.length_c   306.325
_cell.angle_alpha   90.0
_cell.angle_beta   93.7297
_cell.angle_gamma   90.0
#
_symmetry.space_group_name_H-M   'I 1 2 1'
#
loop_
_entity.id
_entity.type
_entity.pdbx_description
1 polymer 'Monoalkyl phthalate hydrolase'
2 non-polymer 1-BUTANOL
3 non-polymer 'PHTHALIC ACID'
#
_entity_poly.entity_id   1
_entity_poly.type   'polypeptide(L)'
_entity_poly.pdbx_seq_one_letter_code
;MFHTVDVKGVQTRYFDDGQDKDPILLIHGGHFGFFIPVGIESWGNVLEDFGEYGRVLAVDKLGQGETGLPLNDEDWTVDA
VAEHVANFATQLGLKNLTLVGHSRGGMTAVLLALKYPEMVKKLVIISSATAAPAPPVGTDMDFYERVERTAPGGSAELIR
HYHAAQAVNEGDLPEDYIGIATKWLESEKQLDAVAGYARNAEEHWLPSLSEGRRWVQERLADAGIPVPTLVVWGVNNRSA
PVSMGKGLFDLIAANTLDSSLYLINNAGHHVFSDQREKFNAAVGAFISL
;
_entity_poly.pdbx_strand_id   A,B,C,D
#
loop_
_chem_comp.id
_chem_comp.type
_chem_comp.name
_chem_comp.formula
1BO non-polymer 1-BUTANOL 'C4 H10 O'
PHT non-polymer 'PHTHALIC ACID' 'C8 H6 O4'
#
# COMPACT_ATOMS: atom_id res chain seq x y z
N PHE A 2 9.28 10.40 22.99
CA PHE A 2 9.23 10.84 21.61
C PHE A 2 10.66 10.98 21.08
N HIS A 3 10.78 11.54 19.88
CA HIS A 3 12.09 11.71 19.28
C HIS A 3 12.12 12.97 18.43
N THR A 4 13.32 13.40 18.11
CA THR A 4 13.52 14.56 17.26
C THR A 4 14.59 14.20 16.25
N VAL A 5 14.40 14.63 15.01
CA VAL A 5 15.30 14.30 13.92
C VAL A 5 15.34 15.52 13.02
N ASP A 6 16.33 15.61 12.15
CA ASP A 6 16.39 16.78 11.27
C ASP A 6 15.92 16.38 9.89
N VAL A 7 14.87 17.05 9.44
CA VAL A 7 14.32 16.80 8.13
C VAL A 7 14.59 18.03 7.27
N LYS A 8 15.58 17.93 6.40
CA LYS A 8 15.98 19.01 5.49
C LYS A 8 16.18 20.34 6.23
N GLY A 9 16.84 20.29 7.37
CA GLY A 9 17.15 21.50 8.12
C GLY A 9 16.03 21.95 9.03
N VAL A 10 15.00 21.11 9.17
CA VAL A 10 13.89 21.44 10.06
C VAL A 10 13.88 20.47 11.22
N GLN A 11 13.83 21.01 12.44
CA GLN A 11 13.85 20.17 13.62
C GLN A 11 12.46 19.54 13.70
N THR A 12 12.39 18.22 13.59
CA THR A 12 11.11 17.51 13.51
C THR A 12 10.89 16.54 14.68
N ARG A 13 9.79 16.73 15.39
CA ARG A 13 9.41 15.82 16.46
C ARG A 13 8.48 14.73 15.95
N TYR A 14 8.73 13.50 16.37
CA TYR A 14 7.88 12.39 15.97
C TYR A 14 7.75 11.36 17.09
N PHE A 15 6.73 10.53 16.94
CA PHE A 15 6.43 9.46 17.88
C PHE A 15 6.49 8.14 17.12
N ASP A 16 7.10 7.14 17.75
CA ASP A 16 7.25 5.82 17.15
C ASP A 16 7.03 4.78 18.23
N ASP A 17 6.07 3.88 18.03
CA ASP A 17 5.83 2.82 19.02
C ASP A 17 6.95 1.79 18.94
N GLY A 18 7.63 1.74 17.79
CA GLY A 18 8.80 0.89 17.64
C GLY A 18 8.57 -0.57 17.36
N GLN A 19 7.31 -0.96 17.14
CA GLN A 19 6.99 -2.35 16.85
C GLN A 19 7.49 -2.79 15.48
N ASP A 20 7.72 -4.09 15.32
CA ASP A 20 8.13 -4.62 14.02
C ASP A 20 6.90 -5.06 13.26
N LYS A 21 6.18 -4.07 12.74
CA LYS A 21 4.94 -4.27 12.00
C LYS A 21 4.90 -3.28 10.86
N ASP A 22 3.85 -3.36 10.07
CA ASP A 22 3.66 -2.43 8.97
C ASP A 22 3.40 -1.05 9.55
N PRO A 23 4.06 -0.02 8.99
CA PRO A 23 3.93 1.31 9.57
C PRO A 23 2.60 1.99 9.26
N ILE A 24 2.13 2.76 10.22
CA ILE A 24 0.93 3.57 10.08
C ILE A 24 1.34 4.99 10.39
N LEU A 25 1.27 5.89 9.41
CA LEU A 25 1.70 7.25 9.68
C LEU A 25 0.47 8.14 9.87
N LEU A 26 0.42 8.82 11.01
CA LEU A 26 -0.68 9.69 11.37
C LEU A 26 -0.30 11.12 11.09
N ILE A 27 -1.09 11.81 10.28
CA ILE A 27 -0.84 13.22 10.01
C ILE A 27 -1.99 14.04 10.58
N HIS A 28 -1.67 14.85 11.58
CA HIS A 28 -2.68 15.60 12.33
C HIS A 28 -3.22 16.79 11.56
N GLY A 29 -4.25 17.40 12.11
CA GLY A 29 -4.92 18.53 11.49
C GLY A 29 -4.24 19.87 11.73
N GLY A 30 -4.80 20.92 11.13
CA GLY A 30 -4.30 22.26 11.31
C GLY A 30 -3.18 22.59 10.33
N HIS A 31 -2.77 23.85 10.33
CA HIS A 31 -1.68 24.31 9.50
C HIS A 31 -0.83 25.27 10.34
N PHE A 32 0.33 25.66 9.84
CA PHE A 32 1.15 26.61 10.57
C PHE A 32 0.42 27.94 10.71
N GLY A 33 0.38 28.47 11.94
CA GLY A 33 -0.27 29.73 12.22
C GLY A 33 -1.74 29.58 12.57
N PHE A 34 -2.21 28.34 12.64
CA PHE A 34 -3.59 28.06 13.00
C PHE A 34 -3.85 28.53 14.43
N PHE A 35 -5.04 29.04 14.69
CA PHE A 35 -5.35 29.62 16.00
C PHE A 35 -5.39 28.58 17.11
N ILE A 36 -5.37 27.31 16.74
CA ILE A 36 -5.28 26.24 17.73
C ILE A 36 -4.08 25.37 17.42
N PRO A 37 -3.26 25.10 18.42
CA PRO A 37 -2.09 24.27 18.18
C PRO A 37 -2.51 22.82 18.05
N VAL A 38 -1.96 22.13 17.06
CA VAL A 38 -2.26 20.73 16.86
C VAL A 38 -0.94 19.98 16.79
N GLY A 39 -0.86 18.85 17.48
CA GLY A 39 0.37 18.10 17.55
C GLY A 39 0.11 16.62 17.66
N ILE A 40 1.16 15.88 17.97
CA ILE A 40 1.05 14.44 18.11
C ILE A 40 0.03 14.12 19.20
N GLU A 41 0.05 14.93 20.25
CA GLU A 41 -0.81 14.74 21.40
C GLU A 41 -2.29 14.89 21.03
N SER A 42 -2.58 15.61 19.95
CA SER A 42 -3.94 15.80 19.50
C SER A 42 -4.56 14.48 19.09
N TRP A 43 -3.71 13.53 18.71
CA TRP A 43 -4.16 12.20 18.33
C TRP A 43 -4.65 11.40 19.54
N GLY A 44 -4.19 11.79 20.71
CA GLY A 44 -4.65 11.21 21.96
C GLY A 44 -4.59 9.70 21.97
N ASN A 45 -5.73 9.09 22.31
CA ASN A 45 -5.82 7.65 22.48
C ASN A 45 -5.46 6.88 21.22
N VAL A 46 -5.62 7.53 20.05
CA VAL A 46 -5.37 6.81 18.82
C VAL A 46 -3.93 6.32 18.80
N LEU A 47 -3.04 7.09 19.43
CA LEU A 47 -1.62 6.74 19.46
C LEU A 47 -1.39 5.35 20.05
N GLU A 48 -2.10 5.06 21.13
CA GLU A 48 -2.00 3.74 21.74
C GLU A 48 -2.89 2.78 20.96
N ASP A 49 -4.09 3.26 20.60
CA ASP A 49 -5.13 2.38 20.08
C ASP A 49 -4.76 1.68 18.77
N PHE A 50 -4.05 2.37 17.89
CA PHE A 50 -3.66 1.77 16.62
C PHE A 50 -2.46 0.83 16.77
N GLY A 51 -2.03 0.62 18.00
CA GLY A 51 -0.95 -0.30 18.28
C GLY A 51 -1.30 -1.71 17.84
N GLU A 52 -2.56 -2.06 17.99
CA GLU A 52 -3.04 -3.39 17.61
C GLU A 52 -2.90 -3.63 16.10
N TYR A 53 -3.18 -2.61 15.30
CA TYR A 53 -3.22 -2.74 13.86
C TYR A 53 -1.86 -2.61 13.17
N GLY A 54 -0.91 -1.97 13.84
CA GLY A 54 0.42 -1.83 13.25
C GLY A 54 1.39 -0.99 14.06
N ARG A 55 2.52 -0.66 13.45
CA ARG A 55 3.54 0.18 14.08
C ARG A 55 3.16 1.63 13.88
N VAL A 56 2.72 2.27 14.96
CA VAL A 56 2.21 3.62 14.85
C VAL A 56 3.32 4.66 14.87
N LEU A 57 3.25 5.59 13.94
CA LEU A 57 4.15 6.73 13.91
C LEU A 57 3.28 7.97 13.76
N ALA A 58 3.62 9.00 14.52
CA ALA A 58 2.91 10.27 14.35
C ALA A 58 3.93 11.37 14.24
N VAL A 59 3.70 12.32 13.34
CA VAL A 59 4.70 13.34 13.14
C VAL A 59 4.08 14.73 13.27
N ASP A 60 4.83 15.63 13.88
CA ASP A 60 4.38 17.01 14.01
C ASP A 60 4.66 17.66 12.67
N LYS A 61 3.67 18.33 12.12
CA LYS A 61 3.83 18.92 10.80
C LYS A 61 4.67 20.18 10.87
N LEU A 62 5.06 20.68 9.71
CA LEU A 62 5.87 21.88 9.59
C LEU A 62 5.21 23.05 10.31
N GLY A 63 5.95 23.70 11.21
CA GLY A 63 5.42 24.86 11.92
C GLY A 63 4.26 24.52 12.85
N GLN A 64 4.20 23.25 13.25
CA GLN A 64 3.14 22.77 14.12
C GLN A 64 3.77 21.87 15.19
N GLY A 65 3.10 21.73 16.32
CA GLY A 65 3.62 20.93 17.40
C GLY A 65 4.97 21.46 17.86
N GLU A 66 5.96 20.58 17.94
CA GLU A 66 7.30 20.98 18.34
C GLU A 66 8.30 20.98 17.18
N THR A 67 7.80 20.97 15.94
CA THR A 67 8.71 21.06 14.82
C THR A 67 8.90 22.49 14.39
N GLY A 68 10.06 22.79 13.82
CA GLY A 68 10.40 24.15 13.49
C GLY A 68 9.55 24.67 12.34
N LEU A 69 9.45 25.98 12.25
CA LEU A 69 8.68 26.62 11.19
C LEU A 69 9.39 26.40 9.87
N PRO A 70 8.68 26.56 8.74
CA PRO A 70 9.36 26.41 7.45
C PRO A 70 10.53 27.38 7.34
N LEU A 71 11.59 26.96 6.67
CA LEU A 71 12.82 27.74 6.58
C LEU A 71 12.62 29.04 5.82
N ASN A 72 11.79 28.99 4.78
CA ASN A 72 11.55 30.18 3.97
C ASN A 72 10.08 30.48 3.76
N ASP A 73 9.79 31.69 3.33
CA ASP A 73 8.41 32.13 3.07
C ASP A 73 7.82 31.33 1.92
N GLU A 74 8.68 30.85 1.03
CA GLU A 74 8.26 30.07 -0.13
C GLU A 74 7.75 28.69 0.30
N ASP A 75 8.16 28.26 1.49
CA ASP A 75 7.81 26.95 2.01
C ASP A 75 6.51 26.92 2.78
N TRP A 76 5.78 28.03 2.78
CA TRP A 76 4.48 28.02 3.44
C TRP A 76 3.43 27.52 2.47
N THR A 77 3.68 26.33 1.93
CA THR A 77 2.79 25.74 0.95
C THR A 77 2.38 24.34 1.40
N VAL A 78 1.28 23.87 0.84
CA VAL A 78 0.77 22.54 1.15
C VAL A 78 1.80 21.51 0.69
N ASP A 79 2.40 21.77 -0.47
CA ASP A 79 3.40 20.89 -1.05
C ASP A 79 4.65 20.81 -0.18
N ALA A 80 5.03 21.92 0.46
CA ALA A 80 6.18 21.92 1.34
C ALA A 80 5.93 21.05 2.58
N VAL A 81 4.72 21.11 3.11
CA VAL A 81 4.33 20.29 4.25
C VAL A 81 4.35 18.81 3.87
N ALA A 82 3.78 18.52 2.71
CA ALA A 82 3.71 17.17 2.20
C ALA A 82 5.12 16.63 1.96
N GLU A 83 5.99 17.50 1.43
CA GLU A 83 7.37 17.18 1.15
C GLU A 83 8.15 16.90 2.42
N HIS A 84 7.82 17.64 3.48
CA HIS A 84 8.44 17.43 4.76
C HIS A 84 8.06 16.05 5.29
N VAL A 85 6.78 15.72 5.17
CA VAL A 85 6.32 14.41 5.66
C VAL A 85 6.92 13.27 4.84
N ALA A 86 7.03 13.46 3.52
CA ALA A 86 7.60 12.45 2.63
C ALA A 86 9.06 12.22 2.98
N ASN A 87 9.78 13.31 3.16
CA ASN A 87 11.20 13.25 3.51
C ASN A 87 11.39 12.58 4.85
N PHE A 88 10.50 12.88 5.79
CA PHE A 88 10.52 12.27 7.10
C PHE A 88 10.32 10.76 7.02
N ALA A 89 9.34 10.34 6.22
CA ALA A 89 9.06 8.92 6.06
C ALA A 89 10.23 8.20 5.38
N THR A 90 10.85 8.87 4.41
CA THR A 90 12.00 8.31 3.71
C THR A 90 13.20 8.12 4.63
N GLN A 91 13.44 9.10 5.50
CA GLN A 91 14.59 9.05 6.40
C GLN A 91 14.52 7.86 7.35
N LEU A 92 13.31 7.51 7.77
CA LEU A 92 13.10 6.40 8.69
C LEU A 92 12.89 5.09 7.96
N GLY A 93 12.98 5.13 6.63
CA GLY A 93 12.81 3.94 5.82
C GLY A 93 11.44 3.29 5.87
N LEU A 94 10.41 4.11 5.97
CA LEU A 94 9.05 3.58 6.02
C LEU A 94 8.65 3.07 4.65
N LYS A 95 8.08 1.86 4.64
CA LYS A 95 7.66 1.21 3.41
C LYS A 95 6.36 0.53 3.79
N ASN A 96 5.49 0.22 2.83
CA ASN A 96 4.20 -0.39 3.15
C ASN A 96 3.40 0.50 4.10
N LEU A 97 3.57 1.80 3.93
CA LEU A 97 2.98 2.78 4.83
C LEU A 97 1.47 2.85 4.72
N THR A 98 0.80 3.11 5.82
CA THR A 98 -0.62 3.42 5.76
C THR A 98 -0.73 4.85 6.21
N LEU A 99 -1.25 5.71 5.35
CA LEU A 99 -1.32 7.12 5.71
C LEU A 99 -2.70 7.42 6.24
N VAL A 100 -2.74 7.94 7.46
CA VAL A 100 -3.99 8.29 8.08
C VAL A 100 -3.93 9.78 8.38
N GLY A 101 -4.70 10.57 7.64
CA GLY A 101 -4.64 12.00 7.82
C GLY A 101 -5.99 12.56 8.22
N HIS A 102 -5.94 13.57 9.08
CA HIS A 102 -7.16 14.19 9.58
C HIS A 102 -7.14 15.66 9.22
N SER A 103 -8.29 16.17 8.80
CA SER A 103 -8.42 17.58 8.42
C SER A 103 -7.35 17.95 7.38
N ARG A 104 -6.51 18.94 7.68
CA ARG A 104 -5.47 19.36 6.75
C ARG A 104 -4.47 18.23 6.48
N GLY A 105 -4.27 17.38 7.47
CA GLY A 105 -3.36 16.26 7.32
C GLY A 105 -3.89 15.32 6.26
N GLY A 106 -5.21 15.27 6.13
CA GLY A 106 -5.82 14.42 5.14
C GLY A 106 -5.34 14.85 3.77
N MET A 107 -5.25 16.16 3.58
CA MET A 107 -4.80 16.68 2.30
C MET A 107 -3.39 16.15 2.02
N THR A 108 -2.56 16.23 3.05
CA THR A 108 -1.18 15.80 2.96
C THR A 108 -1.20 14.33 2.59
N ALA A 109 -2.06 13.58 3.28
CA ALA A 109 -2.12 12.14 3.12
C ALA A 109 -2.42 11.84 1.65
N VAL A 110 -3.32 12.61 1.06
CA VAL A 110 -3.65 12.39 -0.34
C VAL A 110 -2.45 12.62 -1.24
N LEU A 111 -1.75 13.72 -1.02
CA LEU A 111 -0.68 14.13 -1.91
C LEU A 111 0.38 13.05 -1.96
N LEU A 112 0.77 12.57 -0.80
CA LEU A 112 1.81 11.57 -0.70
C LEU A 112 1.36 10.34 -1.46
N ALA A 113 0.10 9.95 -1.22
CA ALA A 113 -0.46 8.76 -1.85
C ALA A 113 -0.38 8.90 -3.35
N LEU A 114 -0.69 10.10 -3.83
CA LEU A 114 -0.64 10.37 -5.25
C LEU A 114 0.80 10.39 -5.73
N LYS A 115 1.67 11.02 -4.96
CA LYS A 115 3.05 11.23 -5.38
C LYS A 115 3.99 10.06 -5.12
N TYR A 116 3.75 9.30 -4.06
CA TYR A 116 4.65 8.19 -3.72
C TYR A 116 3.96 6.84 -3.47
N PRO A 117 3.38 6.23 -4.52
CA PRO A 117 2.70 4.94 -4.39
C PRO A 117 3.62 3.83 -3.90
N GLU A 118 4.90 3.95 -4.22
CA GLU A 118 5.90 2.97 -3.80
C GLU A 118 6.02 2.95 -2.28
N MET A 119 5.97 4.13 -1.67
CA MET A 119 6.06 4.28 -0.22
C MET A 119 4.74 3.95 0.47
N VAL A 120 3.64 4.36 -0.15
CA VAL A 120 2.30 4.21 0.44
C VAL A 120 1.58 2.96 -0.06
N LYS A 121 0.93 2.24 0.85
CA LYS A 121 0.19 1.03 0.50
C LYS A 121 -1.32 1.17 0.76
N LYS A 122 -1.67 2.01 1.74
CA LYS A 122 -3.06 2.23 2.11
C LYS A 122 -3.26 3.67 2.51
N LEU A 123 -4.49 4.16 2.38
CA LEU A 123 -4.77 5.54 2.71
C LEU A 123 -6.08 5.71 3.48
N VAL A 124 -6.04 6.50 4.55
CA VAL A 124 -7.25 6.80 5.29
C VAL A 124 -7.39 8.31 5.41
N ILE A 125 -8.54 8.83 4.98
CA ILE A 125 -8.80 10.24 5.09
C ILE A 125 -9.95 10.43 6.07
N ILE A 126 -9.73 11.25 7.09
CA ILE A 126 -10.75 11.50 8.09
C ILE A 126 -11.13 12.96 8.16
N SER A 127 -12.40 13.24 7.87
CA SER A 127 -12.98 14.57 8.05
C SER A 127 -12.14 15.69 7.45
N SER A 128 -11.66 15.49 6.22
CA SER A 128 -10.81 16.47 5.56
C SER A 128 -11.53 17.39 4.59
N ALA A 129 -11.88 18.59 5.03
CA ALA A 129 -12.43 19.60 4.14
C ALA A 129 -11.35 20.07 3.17
N THR A 130 -10.09 19.94 3.58
CA THR A 130 -8.97 20.36 2.76
C THR A 130 -8.81 19.51 1.51
N ALA A 131 -8.92 18.19 1.67
CA ALA A 131 -8.83 17.28 0.53
C ALA A 131 -10.04 17.45 -0.38
N ALA A 132 -11.18 17.75 0.22
CA ALA A 132 -12.43 17.94 -0.52
C ALA A 132 -12.36 19.20 -1.37
N PRO A 133 -13.33 19.40 -2.28
CA PRO A 133 -13.34 20.66 -3.03
C PRO A 133 -13.60 21.86 -2.13
N ALA A 134 -13.16 23.04 -2.59
CA ALA A 134 -13.39 24.26 -1.84
C ALA A 134 -14.88 24.52 -1.75
N PRO A 135 -15.33 25.11 -0.64
CA PRO A 135 -16.77 25.37 -0.48
C PRO A 135 -17.32 26.29 -1.57
N PRO A 136 -18.60 26.08 -1.95
CA PRO A 136 -19.28 26.91 -2.95
C PRO A 136 -19.38 28.35 -2.45
N VAL A 137 -19.60 28.49 -1.16
CA VAL A 137 -19.64 29.81 -0.53
C VAL A 137 -18.75 29.81 0.71
N GLY A 138 -18.00 30.91 0.89
CA GLY A 138 -17.12 31.05 2.02
C GLY A 138 -15.80 30.34 1.81
N THR A 139 -15.10 30.05 2.91
CA THR A 139 -13.84 29.33 2.87
C THR A 139 -13.89 28.23 3.93
N ASP A 140 -12.92 27.33 3.92
CA ASP A 140 -12.89 26.27 4.93
C ASP A 140 -12.55 26.84 6.31
N MET A 141 -12.07 28.08 6.35
CA MET A 141 -11.68 28.75 7.60
C MET A 141 -12.75 29.60 8.28
N ASP A 142 -13.86 29.86 7.61
CA ASP A 142 -14.88 30.76 8.14
C ASP A 142 -15.39 30.31 9.50
N PHE A 143 -15.62 29.01 9.62
CA PHE A 143 -16.08 28.39 10.85
C PHE A 143 -15.08 28.71 11.97
N TYR A 144 -13.81 28.48 11.67
CA TYR A 144 -12.72 28.71 12.60
C TYR A 144 -12.53 30.18 12.91
N GLU A 145 -12.70 31.05 11.93
CA GLU A 145 -12.56 32.49 12.15
C GLU A 145 -13.64 32.94 13.14
N ARG A 146 -14.84 32.40 12.98
CA ARG A 146 -15.95 32.67 13.89
C ARG A 146 -15.63 32.16 15.29
N VAL A 147 -15.08 30.96 15.37
CA VAL A 147 -14.76 30.35 16.66
C VAL A 147 -13.68 31.18 17.35
N GLU A 148 -12.76 31.73 16.57
CA GLU A 148 -11.69 32.59 17.08
C GLU A 148 -12.23 33.90 17.63
N ARG A 149 -13.07 34.55 16.84
CA ARG A 149 -13.60 35.86 17.21
C ARG A 149 -14.53 35.86 18.43
N THR A 150 -15.18 34.73 18.69
CA THR A 150 -16.16 34.67 19.79
C THR A 150 -15.58 34.03 21.04
N ALA A 151 -14.30 33.69 20.99
CA ALA A 151 -13.64 32.98 22.08
C ALA A 151 -13.34 33.91 23.24
N PRO A 152 -13.55 33.43 24.48
CA PRO A 152 -13.21 34.25 25.64
C PRO A 152 -11.71 34.21 25.90
N GLY A 153 -11.20 35.21 26.61
CA GLY A 153 -9.78 35.30 26.88
C GLY A 153 -9.35 34.14 27.75
N GLY A 154 -8.13 33.67 27.53
CA GLY A 154 -7.60 32.55 28.29
C GLY A 154 -7.18 31.49 27.30
N SER A 155 -6.09 30.80 27.59
CA SER A 155 -5.60 29.79 26.66
C SER A 155 -6.43 28.52 26.80
N ALA A 156 -6.62 28.07 28.03
CA ALA A 156 -7.44 26.90 28.28
C ALA A 156 -8.88 27.21 27.89
N GLU A 157 -9.30 28.45 28.12
CA GLU A 157 -10.63 28.90 27.76
C GLU A 157 -10.84 28.84 26.25
N LEU A 158 -9.80 29.16 25.49
CA LEU A 158 -9.86 29.08 24.03
C LEU A 158 -9.96 27.64 23.57
N ILE A 159 -9.12 26.79 24.15
CA ILE A 159 -9.12 25.39 23.76
C ILE A 159 -10.45 24.70 24.11
N ARG A 160 -10.99 24.95 25.30
CA ARG A 160 -12.31 24.41 25.63
C ARG A 160 -13.40 25.06 24.77
N HIS A 161 -13.24 26.32 24.40
CA HIS A 161 -14.23 26.96 23.54
C HIS A 161 -14.29 26.21 22.20
N TYR A 162 -13.13 25.94 21.63
CA TYR A 162 -13.04 25.23 20.35
C TYR A 162 -13.57 23.81 20.47
N HIS A 163 -13.21 23.14 21.56
CA HIS A 163 -13.72 21.79 21.79
C HIS A 163 -15.22 21.76 21.90
N ALA A 164 -15.80 22.75 22.58
CA ALA A 164 -17.26 22.81 22.68
C ALA A 164 -17.86 23.06 21.30
N ALA A 165 -17.15 23.84 20.49
CA ALA A 165 -17.63 24.15 19.14
C ALA A 165 -17.66 22.90 18.28
N GLN A 166 -16.69 22.01 18.45
CA GLN A 166 -16.59 20.86 17.57
C GLN A 166 -17.06 19.52 18.14
N ALA A 167 -17.11 19.40 19.47
CA ALA A 167 -17.49 18.12 20.08
C ALA A 167 -18.96 17.79 19.86
N VAL A 168 -19.24 16.50 19.63
CA VAL A 168 -20.61 16.02 19.44
C VAL A 168 -20.97 14.95 20.47
N ASN A 169 -20.05 14.01 20.68
CA ASN A 169 -20.25 12.96 21.66
C ASN A 169 -19.15 12.97 22.72
N GLU A 170 -18.49 14.12 22.86
CA GLU A 170 -17.34 14.26 23.74
C GLU A 170 -17.72 14.90 25.08
N GLY A 171 -16.84 14.70 26.05
CA GLY A 171 -16.97 15.28 27.37
C GLY A 171 -15.79 16.21 27.50
N ASP A 172 -15.66 16.89 28.64
CA ASP A 172 -14.59 17.86 28.82
C ASP A 172 -13.24 17.20 28.50
N LEU A 173 -12.32 17.97 27.94
CA LEU A 173 -11.06 17.44 27.46
C LEU A 173 -10.19 16.89 28.59
N PRO A 174 -9.34 15.90 28.26
CA PRO A 174 -8.43 15.38 29.28
C PRO A 174 -7.46 16.49 29.71
N GLU A 175 -7.17 16.55 31.01
CA GLU A 175 -6.30 17.59 31.55
C GLU A 175 -4.89 17.50 30.97
N ASP A 176 -4.50 16.25 30.67
CA ASP A 176 -3.18 15.97 30.12
C ASP A 176 -3.01 16.71 28.81
N TYR A 177 -4.03 16.63 27.94
CA TYR A 177 -4.01 17.35 26.68
C TYR A 177 -4.04 18.86 26.89
N ILE A 178 -4.83 19.30 27.88
CA ILE A 178 -4.97 20.72 28.18
C ILE A 178 -3.66 21.40 28.55
N GLY A 179 -2.84 20.76 29.36
CA GLY A 179 -1.58 21.37 29.75
C GLY A 179 -0.68 21.60 28.55
N ILE A 180 -0.57 20.56 27.73
CA ILE A 180 0.28 20.57 26.55
C ILE A 180 -0.19 21.63 25.55
N ALA A 181 -1.51 21.68 25.35
CA ALA A 181 -2.10 22.62 24.40
C ALA A 181 -1.95 24.07 24.88
N THR A 182 -2.07 24.29 26.19
CA THR A 182 -1.86 25.61 26.77
C THR A 182 -0.42 26.09 26.56
N LYS A 183 0.51 25.19 26.85
CA LYS A 183 1.92 25.51 26.68
C LYS A 183 2.20 25.83 25.23
N TRP A 184 1.61 25.07 24.31
CA TRP A 184 1.77 25.32 22.89
C TRP A 184 1.23 26.68 22.48
N LEU A 185 0.06 27.02 23.04
CA LEU A 185 -0.62 28.25 22.68
C LEU A 185 0.17 29.48 23.11
N GLU A 186 0.66 29.46 24.35
CA GLU A 186 1.41 30.61 24.85
C GLU A 186 2.86 30.70 24.33
N SER A 187 3.39 29.60 23.79
CA SER A 187 4.79 29.55 23.34
C SER A 187 5.10 30.61 22.28
N GLU A 188 6.37 31.02 22.23
CA GLU A 188 6.83 32.01 21.25
C GLU A 188 6.77 31.47 19.82
N LYS A 189 6.99 30.16 19.69
CA LYS A 189 6.93 29.50 18.39
C LYS A 189 5.54 29.64 17.77
N GLN A 190 4.50 29.55 18.60
CA GLN A 190 3.13 29.74 18.14
C GLN A 190 2.91 31.14 17.61
N LEU A 191 3.47 32.11 18.35
CA LEU A 191 3.36 33.51 18.00
C LEU A 191 4.03 33.74 16.65
N ASP A 192 5.20 33.11 16.48
CA ASP A 192 5.97 33.21 15.25
C ASP A 192 5.23 32.56 14.08
N ALA A 193 4.52 31.48 14.37
CA ALA A 193 3.75 30.76 13.36
C ALA A 193 2.56 31.56 12.89
N VAL A 194 1.83 32.16 13.82
CA VAL A 194 0.68 33.00 13.46
C VAL A 194 1.13 34.23 12.67
N ALA A 195 2.21 34.85 13.13
CA ALA A 195 2.73 36.03 12.44
C ALA A 195 3.16 35.66 11.03
N GLY A 196 3.82 34.52 10.92
CA GLY A 196 4.28 34.02 9.64
C GLY A 196 3.12 33.69 8.71
N TYR A 197 2.02 33.19 9.28
CA TYR A 197 0.83 32.88 8.49
C TYR A 197 0.28 34.17 7.91
N ALA A 198 0.08 35.16 8.78
CA ALA A 198 -0.45 36.45 8.35
C ALA A 198 0.45 37.03 7.26
N ARG A 199 1.75 36.77 7.39
CA ARG A 199 2.73 37.23 6.40
C ARG A 199 2.62 36.52 5.04
N ASN A 200 2.43 35.21 5.06
CA ASN A 200 2.51 34.40 3.84
C ASN A 200 1.21 33.78 3.35
N ALA A 201 0.10 34.10 4.00
CA ALA A 201 -1.18 33.48 3.65
C ALA A 201 -1.60 33.78 2.21
N GLU A 202 -1.72 35.05 1.85
CA GLU A 202 -2.22 35.43 0.54
C GLU A 202 -1.28 35.09 -0.62
N GLU A 203 0.02 35.34 -0.45
CA GLU A 203 0.97 35.08 -1.53
C GLU A 203 1.32 33.61 -1.75
N HIS A 204 1.52 32.86 -0.66
CA HIS A 204 2.06 31.52 -0.79
C HIS A 204 1.10 30.40 -0.39
N TRP A 205 0.58 30.46 0.83
CA TRP A 205 -0.22 29.36 1.38
C TRP A 205 -1.53 29.11 0.65
N LEU A 206 -2.38 30.13 0.55
CA LEU A 206 -3.71 29.96 -0.05
C LEU A 206 -3.66 29.60 -1.54
N PRO A 207 -2.74 30.21 -2.33
CA PRO A 207 -2.65 29.73 -3.71
C PRO A 207 -2.26 28.26 -3.75
N SER A 208 -1.39 27.86 -2.83
CA SER A 208 -0.95 26.48 -2.72
C SER A 208 -2.14 25.58 -2.39
N LEU A 209 -3.06 26.10 -1.57
CA LEU A 209 -4.26 25.35 -1.22
C LEU A 209 -5.19 25.15 -2.42
N SER A 210 -5.51 26.23 -3.12
CA SER A 210 -6.42 26.15 -4.26
C SER A 210 -5.83 25.26 -5.35
N GLU A 211 -4.55 25.47 -5.62
CA GLU A 211 -3.81 24.68 -6.61
C GLU A 211 -3.75 23.21 -6.19
N GLY A 212 -3.63 22.97 -4.90
CA GLY A 212 -3.60 21.62 -4.39
C GLY A 212 -4.91 20.93 -4.65
N ARG A 213 -6.01 21.64 -4.38
CA ARG A 213 -7.35 21.09 -4.58
C ARG A 213 -7.62 20.80 -6.06
N ARG A 214 -7.24 21.74 -6.92
CA ARG A 214 -7.42 21.60 -8.36
C ARG A 214 -6.63 20.40 -8.89
N TRP A 215 -5.40 20.27 -8.39
CA TRP A 215 -4.52 19.16 -8.78
C TRP A 215 -5.06 17.82 -8.33
N VAL A 216 -5.47 17.74 -7.08
CA VAL A 216 -6.00 16.51 -6.52
C VAL A 216 -7.23 16.10 -7.32
N GLN A 217 -8.07 17.08 -7.63
CA GLN A 217 -9.27 16.84 -8.42
C GLN A 217 -8.92 16.32 -9.81
N GLU A 218 -7.84 16.85 -10.38
CA GLU A 218 -7.37 16.41 -11.68
C GLU A 218 -6.96 14.94 -11.64
N ARG A 219 -6.19 14.57 -10.63
CA ARG A 219 -5.73 13.21 -10.50
C ARG A 219 -6.88 12.25 -10.22
N LEU A 220 -7.82 12.69 -9.40
CA LEU A 220 -8.98 11.87 -9.06
C LEU A 220 -9.86 11.63 -10.27
N ALA A 221 -9.93 12.63 -11.15
CA ALA A 221 -10.71 12.52 -12.37
C ALA A 221 -9.92 11.81 -13.46
N ASP A 222 -8.63 11.60 -13.22
CA ASP A 222 -7.78 10.97 -14.22
C ASP A 222 -7.62 9.48 -13.92
N ALA A 223 -6.73 9.13 -13.01
CA ALA A 223 -6.48 7.72 -12.70
C ALA A 223 -6.87 7.37 -11.27
N GLY A 224 -7.23 8.37 -10.49
CA GLY A 224 -7.58 8.16 -9.09
C GLY A 224 -6.37 7.90 -8.23
N ILE A 225 -6.62 7.46 -6.99
CA ILE A 225 -5.56 7.14 -6.05
C ILE A 225 -5.04 5.72 -6.29
N PRO A 226 -3.70 5.54 -6.25
CA PRO A 226 -3.08 4.25 -6.55
C PRO A 226 -3.08 3.26 -5.39
N VAL A 227 -3.75 3.59 -4.29
CA VAL A 227 -3.78 2.69 -3.14
C VAL A 227 -5.19 2.53 -2.62
N PRO A 228 -5.45 1.44 -1.89
CA PRO A 228 -6.76 1.27 -1.25
C PRO A 228 -7.07 2.47 -0.34
N THR A 229 -8.27 3.03 -0.49
CA THR A 229 -8.61 4.26 0.20
C THR A 229 -9.85 4.13 1.07
N LEU A 230 -9.78 4.73 2.25
CA LEU A 230 -10.92 4.77 3.15
C LEU A 230 -11.15 6.21 3.52
N VAL A 231 -12.38 6.67 3.35
CA VAL A 231 -12.73 8.02 3.72
C VAL A 231 -13.63 7.89 4.92
N VAL A 232 -13.29 8.57 6.01
CA VAL A 232 -14.09 8.46 7.21
C VAL A 232 -14.66 9.82 7.55
N TRP A 233 -15.91 9.84 7.99
CA TRP A 233 -16.53 11.11 8.28
C TRP A 233 -17.55 10.98 9.39
N GLY A 234 -17.76 12.08 10.10
CA GLY A 234 -18.73 12.12 11.17
C GLY A 234 -19.91 12.85 10.57
N VAL A 235 -21.09 12.29 10.77
CA VAL A 235 -22.30 12.83 10.18
C VAL A 235 -22.59 14.24 10.71
N ASN A 236 -22.22 14.49 11.96
CA ASN A 236 -22.54 15.76 12.59
C ASN A 236 -21.37 16.74 12.59
N ASN A 237 -20.43 16.53 11.66
CA ASN A 237 -19.28 17.42 11.50
C ASN A 237 -19.74 18.85 11.22
N ARG A 238 -19.26 19.78 12.05
CA ARG A 238 -19.72 21.17 12.01
C ARG A 238 -18.83 22.10 11.17
N SER A 239 -17.52 21.86 11.23
CA SER A 239 -16.58 22.59 10.40
C SER A 239 -16.72 22.16 8.94
N ALA A 240 -16.67 20.85 8.70
CA ALA A 240 -16.79 20.34 7.35
C ALA A 240 -17.99 19.41 7.23
N PRO A 241 -19.03 19.86 6.50
CA PRO A 241 -20.29 19.12 6.40
C PRO A 241 -20.10 17.78 5.70
N VAL A 242 -20.96 16.82 6.04
CA VAL A 242 -20.86 15.48 5.44
C VAL A 242 -21.04 15.53 3.94
N SER A 243 -21.84 16.48 3.46
CA SER A 243 -22.10 16.58 2.03
C SER A 243 -20.83 16.74 1.22
N MET A 244 -19.91 17.59 1.68
CA MET A 244 -18.65 17.79 0.97
C MET A 244 -17.75 16.57 1.12
N GLY A 245 -17.92 15.84 2.22
CA GLY A 245 -17.19 14.61 2.43
C GLY A 245 -17.62 13.56 1.43
N LYS A 246 -18.93 13.45 1.24
CA LYS A 246 -19.54 12.55 0.28
C LYS A 246 -19.10 12.94 -1.11
N GLY A 247 -19.05 14.25 -1.36
CA GLY A 247 -18.64 14.74 -2.67
C GLY A 247 -17.21 14.33 -2.94
N LEU A 248 -16.38 14.39 -1.90
CA LEU A 248 -15.00 13.97 -2.05
C LEU A 248 -14.94 12.48 -2.35
N PHE A 249 -15.75 11.68 -1.65
CA PHE A 249 -15.77 10.24 -1.90
C PHE A 249 -16.24 9.91 -3.31
N ASP A 250 -17.21 10.67 -3.80
CA ASP A 250 -17.72 10.51 -5.15
C ASP A 250 -16.60 10.81 -6.15
N LEU A 251 -15.82 11.85 -5.85
CA LEU A 251 -14.70 12.22 -6.70
C LEU A 251 -13.63 11.13 -6.74
N ILE A 252 -13.38 10.52 -5.58
CA ILE A 252 -12.40 9.44 -5.47
C ILE A 252 -12.85 8.14 -6.14
N ALA A 253 -14.10 7.77 -5.88
CA ALA A 253 -14.67 6.49 -6.33
C ALA A 253 -14.78 6.39 -7.85
N ALA A 254 -14.71 7.52 -8.53
CA ALA A 254 -14.84 7.56 -9.97
C ALA A 254 -13.83 6.63 -10.64
N ASN A 255 -12.57 6.71 -10.21
CA ASN A 255 -11.53 5.88 -10.79
C ASN A 255 -10.75 5.05 -9.78
N THR A 256 -11.09 5.18 -8.50
CA THR A 256 -10.44 4.38 -7.46
C THR A 256 -11.35 3.23 -7.10
N LEU A 257 -11.08 2.07 -7.67
CA LEU A 257 -11.93 0.90 -7.48
C LEU A 257 -11.89 0.44 -6.03
N ASP A 258 -10.70 0.43 -5.47
CA ASP A 258 -10.51 -0.01 -4.10
C ASP A 258 -10.69 1.16 -3.14
N SER A 259 -11.94 1.55 -2.91
CA SER A 259 -12.21 2.68 -2.02
C SER A 259 -13.51 2.47 -1.26
N SER A 260 -13.62 3.14 -0.12
CA SER A 260 -14.80 3.04 0.72
C SER A 260 -15.03 4.32 1.48
N LEU A 261 -16.27 4.49 1.92
CA LEU A 261 -16.66 5.63 2.72
C LEU A 261 -17.37 5.10 3.95
N TYR A 262 -16.94 5.57 5.11
CA TYR A 262 -17.56 5.18 6.36
C TYR A 262 -18.11 6.42 7.04
N LEU A 263 -19.42 6.44 7.23
CA LEU A 263 -20.07 7.56 7.89
C LEU A 263 -20.48 7.09 9.26
N ILE A 264 -20.08 7.84 10.27
CA ILE A 264 -20.41 7.48 11.62
C ILE A 264 -21.36 8.52 12.18
N ASN A 265 -22.49 8.06 12.69
CA ASN A 265 -23.47 8.95 13.28
C ASN A 265 -23.01 9.36 14.66
N ASN A 266 -23.53 10.48 15.14
CA ASN A 266 -23.22 10.99 16.47
C ASN A 266 -21.72 11.24 16.62
N ALA A 267 -21.12 11.78 15.57
CA ALA A 267 -19.70 12.12 15.58
C ALA A 267 -19.44 13.40 14.79
N GLY A 268 -18.38 14.12 15.15
CA GLY A 268 -18.06 15.37 14.49
C GLY A 268 -16.76 15.34 13.72
N HIS A 269 -16.03 16.46 13.80
CA HIS A 269 -14.75 16.59 13.11
C HIS A 269 -13.71 15.63 13.66
N HIS A 270 -13.68 15.49 14.99
CA HIS A 270 -12.78 14.56 15.64
C HIS A 270 -13.51 13.24 15.87
N VAL A 271 -13.67 12.48 14.79
CA VAL A 271 -14.43 11.22 14.82
C VAL A 271 -13.81 10.23 15.79
N PHE A 272 -12.48 10.17 15.79
CA PHE A 272 -11.71 9.27 16.62
C PHE A 272 -11.95 9.49 18.12
N SER A 273 -12.24 10.73 18.49
CA SER A 273 -12.58 11.05 19.87
C SER A 273 -14.05 10.72 20.16
N ASP A 274 -14.92 11.24 19.31
CA ASP A 274 -16.36 11.11 19.43
C ASP A 274 -16.87 9.66 19.43
N GLN A 275 -16.35 8.85 18.52
CA GLN A 275 -16.78 7.46 18.44
C GLN A 275 -15.57 6.55 18.38
N ARG A 276 -14.85 6.51 19.49
CA ARG A 276 -13.55 5.86 19.58
C ARG A 276 -13.57 4.38 19.22
N GLU A 277 -14.49 3.64 19.83
CA GLU A 277 -14.54 2.20 19.64
C GLU A 277 -14.91 1.81 18.19
N LYS A 278 -15.93 2.45 17.63
CA LYS A 278 -16.34 2.20 16.25
C LYS A 278 -15.26 2.57 15.27
N PHE A 279 -14.62 3.70 15.54
CA PHE A 279 -13.59 4.25 14.68
C PHE A 279 -12.42 3.26 14.64
N ASN A 280 -12.00 2.82 15.82
CA ASN A 280 -10.89 1.88 15.93
C ASN A 280 -11.23 0.56 15.24
N ALA A 281 -12.46 0.11 15.44
CA ALA A 281 -12.92 -1.14 14.83
C ALA A 281 -12.88 -1.07 13.31
N ALA A 282 -13.48 -0.02 12.76
CA ALA A 282 -13.59 0.12 11.31
C ALA A 282 -12.25 0.35 10.65
N VAL A 283 -11.56 1.40 11.09
CA VAL A 283 -10.28 1.77 10.49
C VAL A 283 -9.27 0.65 10.71
N GLY A 284 -9.29 0.06 11.90
CA GLY A 284 -8.40 -1.03 12.21
C GLY A 284 -8.64 -2.26 11.34
N ALA A 285 -9.92 -2.57 11.10
CA ALA A 285 -10.26 -3.68 10.22
C ALA A 285 -9.79 -3.40 8.79
N PHE A 286 -9.95 -2.16 8.34
CA PHE A 286 -9.53 -1.77 7.01
C PHE A 286 -8.01 -1.83 6.81
N ILE A 287 -7.29 -1.44 7.84
CA ILE A 287 -5.83 -1.42 7.76
C ILE A 287 -5.27 -2.84 7.71
N SER A 288 -6.01 -3.79 8.25
CA SER A 288 -5.49 -5.15 8.32
C SER A 288 -5.97 -6.11 7.22
N LEU A 289 -5.69 -5.80 5.96
CA LEU A 289 -6.06 -6.71 4.88
C LEU A 289 -5.17 -6.55 3.64
N PHE B 2 12.88 -5.82 15.55
CA PHE B 2 13.89 -5.04 14.83
C PHE B 2 13.33 -4.08 13.80
N HIS B 3 14.23 -3.43 13.06
CA HIS B 3 13.88 -2.47 12.02
C HIS B 3 14.82 -2.58 10.85
N THR B 4 14.37 -2.08 9.72
CA THR B 4 15.11 -2.13 8.49
C THR B 4 14.89 -0.76 7.83
N VAL B 5 15.95 -0.14 7.30
CA VAL B 5 15.85 1.23 6.75
C VAL B 5 16.79 1.36 5.53
N ASP B 6 16.57 2.33 4.66
CA ASP B 6 17.44 2.46 3.49
C ASP B 6 18.42 3.59 3.72
N VAL B 7 19.70 3.24 3.74
CA VAL B 7 20.77 4.19 3.94
C VAL B 7 21.61 4.29 2.67
N LYS B 8 21.45 5.40 1.94
CA LYS B 8 22.14 5.64 0.68
C LYS B 8 22.00 4.47 -0.30
N GLY B 9 20.79 3.93 -0.37
CA GLY B 9 20.49 2.85 -1.31
C GLY B 9 20.85 1.48 -0.79
N VAL B 10 21.24 1.40 0.47
CA VAL B 10 21.59 0.12 1.08
C VAL B 10 20.62 -0.29 2.18
N GLN B 11 20.11 -1.51 2.10
CA GLN B 11 19.16 -1.95 3.10
C GLN B 11 19.91 -2.32 4.40
N THR B 12 19.62 -1.57 5.44
CA THR B 12 20.30 -1.69 6.72
C THR B 12 19.37 -2.12 7.85
N ARG B 13 19.67 -3.22 8.53
CA ARG B 13 18.85 -3.62 9.65
C ARG B 13 19.42 -3.04 10.94
N TYR B 14 18.54 -2.56 11.81
CA TYR B 14 19.00 -2.00 13.09
C TYR B 14 18.04 -2.31 14.24
N PHE B 15 18.57 -2.12 15.43
CA PHE B 15 17.88 -2.37 16.69
C PHE B 15 17.76 -1.06 17.45
N ASP B 16 16.59 -0.84 18.06
CA ASP B 16 16.31 0.39 18.77
C ASP B 16 15.58 0.15 20.09
N ASP B 17 16.11 0.71 21.16
CA ASP B 17 15.47 0.63 22.47
C ASP B 17 14.21 1.49 22.48
N GLY B 18 14.23 2.54 21.66
CA GLY B 18 13.11 3.44 21.50
C GLY B 18 12.99 4.41 22.66
N GLN B 19 13.94 4.34 23.59
CA GLN B 19 13.93 5.19 24.78
C GLN B 19 14.26 6.65 24.45
N ASP B 20 13.79 7.58 25.28
CA ASP B 20 14.15 8.98 25.12
C ASP B 20 15.32 9.30 26.04
N LYS B 21 16.50 8.87 25.61
CA LYS B 21 17.72 9.03 26.39
C LYS B 21 18.82 9.35 25.41
N ASP B 22 20.03 9.64 25.89
CA ASP B 22 21.14 9.85 24.97
C ASP B 22 21.44 8.52 24.29
N PRO B 23 21.65 8.54 22.98
CA PRO B 23 21.81 7.31 22.22
C PRO B 23 23.15 6.62 22.44
N ILE B 24 23.12 5.29 22.43
CA ILE B 24 24.31 4.48 22.53
C ILE B 24 24.34 3.57 21.31
N LEU B 25 25.31 3.77 20.43
CA LEU B 25 25.33 2.98 19.21
C LEU B 25 26.37 1.88 19.32
N LEU B 26 25.94 0.65 19.08
CA LEU B 26 26.80 -0.52 19.17
C LEU B 26 27.23 -0.96 17.78
N ILE B 27 28.54 -1.03 17.57
CA ILE B 27 29.07 -1.49 16.30
C ILE B 27 29.77 -2.82 16.52
N HIS B 28 29.24 -3.87 15.90
CA HIS B 28 29.72 -5.22 16.16
C HIS B 28 31.05 -5.51 15.50
N GLY B 29 31.62 -6.67 15.84
CA GLY B 29 32.90 -7.07 15.32
C GLY B 29 32.79 -7.72 13.95
N GLY B 30 33.94 -8.08 13.39
CA GLY B 30 33.96 -8.79 12.12
C GLY B 30 33.91 -7.86 10.93
N HIS B 31 34.06 -8.46 9.75
CA HIS B 31 33.97 -7.73 8.50
C HIS B 31 33.14 -8.56 7.54
N PHE B 32 32.71 -7.95 6.43
CA PHE B 32 31.96 -8.69 5.43
C PHE B 32 32.81 -9.80 4.85
N GLY B 33 32.25 -11.01 4.78
CA GLY B 33 32.99 -12.13 4.25
C GLY B 33 33.76 -12.87 5.33
N PHE B 34 33.55 -12.46 6.59
CA PHE B 34 34.21 -13.11 7.71
C PHE B 34 33.75 -14.56 7.74
N PHE B 35 34.66 -15.46 8.09
CA PHE B 35 34.36 -16.88 8.05
C PHE B 35 33.30 -17.25 9.09
N ILE B 36 33.00 -16.31 9.98
CA ILE B 36 31.92 -16.47 10.95
C ILE B 36 30.98 -15.26 10.86
N PRO B 37 29.67 -15.50 10.81
CA PRO B 37 28.78 -14.35 10.70
C PRO B 37 28.62 -13.59 12.01
N VAL B 38 28.69 -12.27 11.93
CA VAL B 38 28.50 -11.41 13.09
C VAL B 38 27.42 -10.39 12.77
N GLY B 39 26.54 -10.17 13.74
CA GLY B 39 25.41 -9.26 13.55
C GLY B 39 25.04 -8.61 14.86
N ILE B 40 23.88 -7.96 14.88
CA ILE B 40 23.40 -7.30 16.08
C ILE B 40 23.24 -8.28 17.24
N GLU B 41 22.76 -9.48 16.93
CA GLU B 41 22.50 -10.49 17.94
C GLU B 41 23.77 -10.93 18.65
N SER B 42 24.93 -10.72 18.01
CA SER B 42 26.22 -11.06 18.60
C SER B 42 26.48 -10.25 19.86
N TRP B 43 25.86 -9.09 19.96
CA TRP B 43 25.98 -8.25 21.14
C TRP B 43 25.30 -8.87 22.34
N GLY B 44 24.35 -9.76 22.09
CA GLY B 44 23.68 -10.50 23.13
C GLY B 44 23.12 -9.61 24.23
N ASN B 45 23.49 -9.92 25.46
CA ASN B 45 22.96 -9.23 26.63
C ASN B 45 23.27 -7.74 26.61
N VAL B 46 24.33 -7.36 25.91
CA VAL B 46 24.76 -5.98 25.87
C VAL B 46 23.64 -5.12 25.30
N LEU B 47 22.86 -5.71 24.39
CA LEU B 47 21.73 -4.98 23.80
C LEU B 47 20.70 -4.55 24.82
N GLU B 48 20.35 -5.47 25.72
CA GLU B 48 19.32 -5.19 26.69
C GLU B 48 19.87 -4.45 27.92
N ASP B 49 21.03 -4.87 28.42
CA ASP B 49 21.61 -4.35 29.66
C ASP B 49 21.91 -2.84 29.59
N PHE B 50 22.39 -2.41 28.43
CA PHE B 50 22.80 -1.01 28.28
C PHE B 50 21.56 -0.13 28.19
N GLY B 51 20.41 -0.77 28.32
CA GLY B 51 19.13 -0.09 28.39
C GLY B 51 19.16 0.82 29.59
N GLU B 52 19.89 0.39 30.62
CA GLU B 52 19.98 1.17 31.85
C GLU B 52 20.63 2.54 31.63
N TYR B 53 21.68 2.54 30.81
CA TYR B 53 22.52 3.72 30.58
C TYR B 53 22.03 4.67 29.47
N GLY B 54 21.19 4.19 28.57
CA GLY B 54 20.68 5.05 27.53
C GLY B 54 19.82 4.34 26.49
N ARG B 55 19.53 5.04 25.40
CA ARG B 55 18.74 4.47 24.32
C ARG B 55 19.67 3.65 23.45
N VAL B 56 19.53 2.33 23.53
CA VAL B 56 20.44 1.45 22.83
C VAL B 56 20.04 1.28 21.38
N LEU B 57 21.02 1.44 20.51
CA LEU B 57 20.83 1.21 19.09
C LEU B 57 21.95 0.31 18.62
N ALA B 58 21.62 -0.65 17.78
CA ALA B 58 22.65 -1.50 17.20
C ALA B 58 22.45 -1.55 15.71
N VAL B 59 23.53 -1.57 14.94
CA VAL B 59 23.38 -1.56 13.51
C VAL B 59 24.14 -2.72 12.92
N ASP B 60 23.56 -3.35 11.91
CA ASP B 60 24.26 -4.42 11.21
C ASP B 60 25.17 -3.71 10.23
N LYS B 61 26.44 -4.08 10.21
CA LYS B 61 27.38 -3.36 9.37
C LYS B 61 27.21 -3.76 7.92
N LEU B 62 27.87 -3.01 7.04
CA LEU B 62 27.80 -3.26 5.61
C LEU B 62 28.21 -4.69 5.30
N GLY B 63 27.35 -5.40 4.59
CA GLY B 63 27.64 -6.77 4.18
C GLY B 63 27.78 -7.76 5.32
N GLN B 64 27.20 -7.43 6.46
CA GLN B 64 27.23 -8.32 7.61
C GLN B 64 25.87 -8.33 8.25
N GLY B 65 25.52 -9.43 8.93
CA GLY B 65 24.20 -9.56 9.52
C GLY B 65 23.15 -9.51 8.41
N GLU B 66 22.15 -8.64 8.58
CA GLU B 66 21.11 -8.50 7.57
C GLU B 66 21.19 -7.19 6.78
N THR B 67 22.32 -6.49 6.85
CA THR B 67 22.46 -5.25 6.08
C THR B 67 23.13 -5.57 4.74
N GLY B 68 22.78 -4.83 3.69
CA GLY B 68 23.23 -5.13 2.34
C GLY B 68 24.71 -4.90 2.05
N LEU B 69 25.20 -5.58 1.02
CA LEU B 69 26.59 -5.45 0.58
C LEU B 69 26.79 -4.07 -0.06
N PRO B 70 28.04 -3.61 -0.17
CA PRO B 70 28.28 -2.32 -0.82
C PRO B 70 27.75 -2.30 -2.26
N LEU B 71 27.25 -1.15 -2.69
CA LEU B 71 26.66 -1.02 -4.02
C LEU B 71 27.73 -1.16 -5.11
N ASN B 72 28.94 -0.69 -4.81
CA ASN B 72 30.04 -0.78 -5.76
C ASN B 72 31.26 -1.44 -5.11
N ASP B 73 32.15 -1.96 -5.94
CA ASP B 73 33.36 -2.63 -5.46
C ASP B 73 34.34 -1.67 -4.79
N GLU B 74 34.32 -0.41 -5.21
CA GLU B 74 35.22 0.60 -4.67
C GLU B 74 34.91 0.94 -3.22
N ASP B 75 33.68 0.63 -2.80
CA ASP B 75 33.21 0.94 -1.47
C ASP B 75 33.54 -0.15 -0.45
N TRP B 76 34.34 -1.13 -0.86
CA TRP B 76 34.79 -2.16 0.08
C TRP B 76 36.00 -1.64 0.86
N THR B 77 35.80 -0.51 1.54
CA THR B 77 36.86 0.12 2.29
C THR B 77 36.40 0.32 3.74
N VAL B 78 37.35 0.50 4.65
CA VAL B 78 37.03 0.71 6.06
C VAL B 78 36.23 2.00 6.29
N ASP B 79 36.61 3.07 5.61
CA ASP B 79 35.91 4.34 5.75
C ASP B 79 34.51 4.27 5.16
N ALA B 80 34.31 3.49 4.10
CA ALA B 80 32.97 3.36 3.52
C ALA B 80 32.03 2.72 4.54
N VAL B 81 32.56 1.73 5.27
CA VAL B 81 31.82 1.08 6.32
C VAL B 81 31.49 2.12 7.39
N ALA B 82 32.47 2.96 7.73
CA ALA B 82 32.24 4.01 8.72
C ALA B 82 31.19 5.05 8.27
N GLU B 83 31.28 5.47 7.02
CA GLU B 83 30.40 6.48 6.43
C GLU B 83 28.97 5.97 6.37
N HIS B 84 28.85 4.65 6.17
CA HIS B 84 27.54 4.00 6.19
C HIS B 84 26.88 4.18 7.54
N VAL B 85 27.65 3.95 8.61
CA VAL B 85 27.16 4.09 9.97
C VAL B 85 26.83 5.56 10.28
N ALA B 86 27.68 6.46 9.80
CA ALA B 86 27.46 7.90 10.02
C ALA B 86 26.17 8.36 9.35
N ASN B 87 25.97 7.91 8.11
CA ASN B 87 24.77 8.23 7.34
C ASN B 87 23.53 7.66 8.01
N PHE B 88 23.66 6.45 8.53
CA PHE B 88 22.58 5.80 9.26
C PHE B 88 22.19 6.59 10.51
N ALA B 89 23.19 6.99 11.29
CA ALA B 89 22.97 7.75 12.51
C ALA B 89 22.37 9.11 12.20
N THR B 90 22.81 9.71 11.10
CA THR B 90 22.29 10.99 10.66
C THR B 90 20.83 10.86 10.27
N GLN B 91 20.49 9.76 9.62
CA GLN B 91 19.13 9.51 9.17
C GLN B 91 18.15 9.41 10.33
N LEU B 92 18.60 8.85 11.44
CA LEU B 92 17.76 8.72 12.62
C LEU B 92 17.87 9.94 13.53
N GLY B 93 18.64 10.92 13.08
CA GLY B 93 18.82 12.16 13.82
C GLY B 93 19.52 11.96 15.14
N LEU B 94 20.43 11.00 15.19
CA LEU B 94 21.17 10.74 16.41
C LEU B 94 22.20 11.84 16.63
N LYS B 95 22.23 12.35 17.86
CA LYS B 95 23.16 13.39 18.27
C LYS B 95 23.49 13.10 19.73
N ASN B 96 24.61 13.64 20.21
CA ASN B 96 25.04 13.38 21.58
C ASN B 96 25.27 11.88 21.76
N LEU B 97 25.76 11.26 20.68
CA LEU B 97 25.93 9.82 20.55
C LEU B 97 27.05 9.24 21.41
N THR B 98 26.87 8.02 21.91
CA THR B 98 27.97 7.30 22.55
C THR B 98 28.28 6.05 21.72
N LEU B 99 29.50 5.96 21.23
CA LEU B 99 29.88 4.88 20.34
C LEU B 99 30.61 3.74 21.05
N VAL B 100 30.05 2.55 20.91
CA VAL B 100 30.61 1.35 21.50
C VAL B 100 30.92 0.36 20.39
N GLY B 101 32.21 0.14 20.12
CA GLY B 101 32.60 -0.72 19.04
C GLY B 101 33.46 -1.88 19.50
N HIS B 102 33.26 -3.03 18.87
CA HIS B 102 34.00 -4.24 19.22
C HIS B 102 34.77 -4.75 18.00
N SER B 103 36.01 -5.18 18.23
CA SER B 103 36.87 -5.70 17.17
C SER B 103 36.94 -4.71 16.00
N ARG B 104 36.52 -5.16 14.82
CA ARG B 104 36.55 -4.31 13.64
C ARG B 104 35.68 -3.08 13.83
N GLY B 105 34.62 -3.24 14.62
CA GLY B 105 33.71 -2.16 14.88
C GLY B 105 34.41 -1.03 15.63
N GLY B 106 35.39 -1.40 16.45
CA GLY B 106 36.13 -0.41 17.20
C GLY B 106 36.79 0.53 16.20
N MET B 107 37.31 -0.06 15.13
CA MET B 107 37.98 0.73 14.10
C MET B 107 36.99 1.72 13.52
N THR B 108 35.77 1.24 13.27
CA THR B 108 34.73 2.11 12.73
C THR B 108 34.45 3.23 13.72
N ALA B 109 34.30 2.86 14.99
CA ALA B 109 33.85 3.82 16.00
C ALA B 109 34.84 4.98 16.10
N VAL B 110 36.12 4.62 16.11
CA VAL B 110 37.19 5.61 16.22
C VAL B 110 37.06 6.60 15.09
N LEU B 111 36.87 6.06 13.88
CA LEU B 111 36.84 6.91 12.69
C LEU B 111 35.71 7.91 12.84
N LEU B 112 34.55 7.42 13.30
CA LEU B 112 33.39 8.29 13.40
C LEU B 112 33.72 9.42 14.36
N ALA B 113 34.32 9.05 15.50
CA ALA B 113 34.65 10.01 16.54
C ALA B 113 35.58 11.06 15.96
N LEU B 114 36.53 10.60 15.15
CA LEU B 114 37.47 11.52 14.52
C LEU B 114 36.78 12.37 13.44
N LYS B 115 35.94 11.72 12.65
CA LYS B 115 35.35 12.38 11.48
C LYS B 115 34.12 13.22 11.81
N TYR B 116 33.34 12.79 12.80
CA TYR B 116 32.11 13.48 13.17
C TYR B 116 32.00 13.77 14.66
N PRO B 117 32.88 14.64 15.18
CA PRO B 117 32.86 15.01 16.59
C PRO B 117 31.57 15.71 17.00
N GLU B 118 30.89 16.37 16.06
CA GLU B 118 29.69 17.13 16.39
C GLU B 118 28.54 16.27 16.93
N MET B 119 28.29 15.13 16.30
CA MET B 119 27.23 14.22 16.73
C MET B 119 27.68 13.32 17.88
N VAL B 120 28.97 12.96 17.90
CA VAL B 120 29.50 12.02 18.88
C VAL B 120 30.02 12.74 20.12
N LYS B 121 29.70 12.20 21.30
CA LYS B 121 30.10 12.78 22.57
C LYS B 121 31.06 11.90 23.39
N LYS B 122 30.95 10.58 23.22
CA LYS B 122 31.79 9.63 23.93
C LYS B 122 32.14 8.45 23.03
N LEU B 123 33.24 7.77 23.34
CA LEU B 123 33.70 6.65 22.54
C LEU B 123 34.16 5.47 23.40
N VAL B 124 33.70 4.27 23.05
CA VAL B 124 34.11 3.05 23.75
C VAL B 124 34.67 2.01 22.77
N ILE B 125 35.89 1.55 23.01
CA ILE B 125 36.54 0.54 22.19
C ILE B 125 36.79 -0.74 22.97
N ILE B 126 36.32 -1.87 22.48
CA ILE B 126 36.53 -3.14 23.17
C ILE B 126 37.28 -4.15 22.31
N SER B 127 38.45 -4.57 22.79
CA SER B 127 39.19 -5.65 22.17
C SER B 127 39.37 -5.47 20.66
N SER B 128 39.70 -4.26 20.23
CA SER B 128 39.84 -3.99 18.81
C SER B 128 41.30 -4.00 18.34
N ALA B 129 41.73 -5.15 17.82
CA ALA B 129 43.03 -5.24 17.19
C ALA B 129 43.01 -4.43 15.91
N THR B 130 41.80 -4.25 15.38
CA THR B 130 41.60 -3.50 14.15
C THR B 130 41.97 -2.03 14.33
N ALA B 131 41.49 -1.44 15.42
CA ALA B 131 41.83 -0.05 15.73
C ALA B 131 43.29 0.10 16.13
N ALA B 132 43.82 -0.92 16.81
CA ALA B 132 45.18 -0.89 17.30
C ALA B 132 46.15 -0.92 16.12
N PRO B 133 47.45 -0.67 16.37
CA PRO B 133 48.40 -0.77 15.26
C PRO B 133 48.46 -2.17 14.68
N ALA B 134 48.89 -2.28 13.42
CA ALA B 134 49.03 -3.58 12.78
C ALA B 134 50.09 -4.38 13.54
N PRO B 135 49.92 -5.71 13.59
CA PRO B 135 50.87 -6.56 14.32
C PRO B 135 52.29 -6.39 13.78
N PRO B 136 53.30 -6.55 14.64
CA PRO B 136 54.68 -6.39 14.17
C PRO B 136 55.00 -7.43 13.09
N VAL B 137 54.51 -8.64 13.30
CA VAL B 137 54.63 -9.71 12.31
C VAL B 137 53.28 -10.41 12.11
N GLY B 138 52.97 -10.73 10.86
CA GLY B 138 51.74 -11.41 10.54
C GLY B 138 50.57 -10.46 10.39
N THR B 139 49.36 -10.98 10.50
CA THR B 139 48.15 -10.16 10.39
C THR B 139 47.17 -10.42 11.52
N ASP B 140 46.19 -9.54 11.64
CA ASP B 140 45.16 -9.68 12.66
C ASP B 140 44.26 -10.87 12.36
N MET B 141 44.35 -11.38 11.13
CA MET B 141 43.48 -12.49 10.71
C MET B 141 44.11 -13.85 11.00
N ASP B 142 45.38 -13.87 11.41
CA ASP B 142 46.14 -15.11 11.57
C ASP B 142 45.50 -16.10 12.57
N PHE B 143 45.06 -15.58 13.70
CA PHE B 143 44.42 -16.40 14.73
C PHE B 143 43.20 -17.09 14.14
N TYR B 144 42.39 -16.29 13.45
CA TYR B 144 41.15 -16.75 12.85
C TYR B 144 41.43 -17.74 11.72
N GLU B 145 42.47 -17.47 10.94
CA GLU B 145 42.85 -18.36 9.85
C GLU B 145 43.21 -19.73 10.42
N ARG B 146 43.94 -19.73 11.52
CA ARG B 146 44.32 -20.97 12.19
C ARG B 146 43.12 -21.73 12.76
N VAL B 147 42.23 -21.00 13.44
CA VAL B 147 41.06 -21.60 14.07
C VAL B 147 40.14 -22.20 13.02
N GLU B 148 40.05 -21.50 11.89
CA GLU B 148 39.27 -21.97 10.74
C GLU B 148 39.93 -23.22 10.17
N ARG B 149 41.26 -23.21 10.09
CA ARG B 149 42.01 -24.32 9.55
C ARG B 149 41.80 -25.57 10.40
N THR B 150 41.45 -25.38 11.68
CA THR B 150 41.20 -26.54 12.54
C THR B 150 39.71 -26.81 12.65
N ALA B 151 38.89 -26.03 11.95
CA ALA B 151 37.45 -26.08 12.17
C ALA B 151 36.72 -27.24 11.50
N PRO B 152 35.90 -27.95 12.30
CA PRO B 152 35.00 -29.00 11.84
C PRO B 152 33.68 -28.42 11.34
N SER B 155 27.82 -24.27 9.12
CA SER B 155 27.89 -25.32 10.13
C SER B 155 27.96 -24.72 11.54
N ALA B 156 27.08 -25.20 12.41
CA ALA B 156 27.03 -24.76 13.82
C ALA B 156 28.28 -25.18 14.58
N GLU B 157 28.82 -26.33 14.21
CA GLU B 157 30.01 -26.91 14.85
C GLU B 157 31.16 -25.91 14.80
N LEU B 158 31.20 -25.13 13.72
CA LEU B 158 32.18 -24.06 13.54
C LEU B 158 31.98 -22.95 14.56
N ILE B 159 30.72 -22.54 14.76
CA ILE B 159 30.40 -21.47 15.70
C ILE B 159 30.86 -21.87 17.09
N ARG B 160 30.55 -23.13 17.44
CA ARG B 160 30.96 -23.65 18.73
C ARG B 160 32.48 -23.76 18.85
N HIS B 161 33.12 -24.13 17.75
CA HIS B 161 34.57 -24.26 17.71
C HIS B 161 35.26 -22.93 18.00
N TYR B 162 34.81 -21.87 17.33
CA TYR B 162 35.35 -20.54 17.49
C TYR B 162 35.08 -19.90 18.86
N HIS B 163 33.83 -19.98 19.29
CA HIS B 163 33.49 -19.37 20.58
C HIS B 163 34.28 -20.10 21.66
N ALA B 164 34.42 -21.41 21.51
CA ALA B 164 35.25 -22.19 22.43
C ALA B 164 36.72 -21.80 22.31
N ALA B 165 37.14 -21.42 21.10
CA ALA B 165 38.52 -21.03 20.82
C ALA B 165 38.90 -19.77 21.58
N GLN B 166 37.95 -18.84 21.71
CA GLN B 166 38.24 -17.54 22.33
C GLN B 166 37.77 -17.39 23.77
N ALA B 167 36.85 -18.25 24.20
CA ALA B 167 36.31 -18.16 25.56
C ALA B 167 37.36 -18.50 26.59
N VAL B 168 37.33 -17.79 27.71
CA VAL B 168 38.29 -18.03 28.77
C VAL B 168 37.53 -18.42 30.04
N ASN B 169 36.50 -17.66 30.35
CA ASN B 169 35.66 -17.99 31.50
C ASN B 169 34.19 -18.13 31.07
N GLU B 170 33.98 -18.41 29.78
CA GLU B 170 32.64 -18.46 29.21
C GLU B 170 32.13 -19.89 29.14
N GLY B 171 30.81 -20.02 29.02
CA GLY B 171 30.18 -21.33 28.93
C GLY B 171 29.54 -21.45 27.57
N ASP B 172 28.98 -22.62 27.27
CA ASP B 172 28.41 -22.88 25.95
C ASP B 172 27.36 -21.84 25.56
N LEU B 173 27.34 -21.50 24.28
CA LEU B 173 26.45 -20.47 23.75
C LEU B 173 24.98 -20.88 23.79
N PRO B 174 24.08 -19.89 23.91
CA PRO B 174 22.63 -20.12 23.86
C PRO B 174 22.18 -20.62 22.48
N GLU B 175 21.21 -21.52 22.45
CA GLU B 175 20.73 -22.12 21.21
C GLU B 175 20.15 -21.08 20.25
N ASP B 176 19.58 -20.01 20.80
CA ASP B 176 19.00 -18.95 19.97
C ASP B 176 20.06 -18.26 19.10
N TYR B 177 21.18 -17.88 19.70
CA TYR B 177 22.25 -17.24 18.93
C TYR B 177 22.82 -18.23 17.92
N ILE B 178 22.96 -19.49 18.33
CA ILE B 178 23.48 -20.51 17.44
C ILE B 178 22.59 -20.65 16.22
N GLY B 179 21.28 -20.62 16.44
CA GLY B 179 20.33 -20.74 15.36
C GLY B 179 20.39 -19.57 14.39
N ILE B 180 20.40 -18.36 14.95
CA ILE B 180 20.42 -17.15 14.12
C ILE B 180 21.72 -17.07 13.31
N ALA B 181 22.84 -17.33 13.97
CA ALA B 181 24.15 -17.28 13.33
C ALA B 181 24.37 -18.41 12.31
N THR B 182 23.88 -19.60 12.62
CA THR B 182 23.95 -20.74 11.71
C THR B 182 23.17 -20.44 10.46
N LYS B 183 21.98 -19.87 10.64
CA LYS B 183 21.16 -19.45 9.51
C LYS B 183 21.92 -18.37 8.71
N TRP B 184 22.63 -17.50 9.43
CA TRP B 184 23.42 -16.45 8.78
C TRP B 184 24.53 -16.99 7.88
N LEU B 185 25.22 -18.02 8.36
CA LEU B 185 26.39 -18.55 7.65
C LEU B 185 26.05 -19.17 6.29
N GLU B 186 24.98 -19.96 6.28
CA GLU B 186 24.53 -20.65 5.08
C GLU B 186 23.87 -19.74 4.06
N SER B 187 23.51 -18.53 4.50
CA SER B 187 22.78 -17.57 3.66
C SER B 187 23.49 -17.25 2.34
N GLU B 188 22.72 -16.89 1.33
CA GLU B 188 23.26 -16.52 0.03
C GLU B 188 24.07 -15.22 0.14
N LYS B 189 23.61 -14.33 1.03
CA LYS B 189 24.27 -13.06 1.30
C LYS B 189 25.69 -13.27 1.78
N GLN B 190 25.83 -14.26 2.65
CA GLN B 190 27.12 -14.59 3.22
C GLN B 190 28.09 -15.08 2.16
N LEU B 191 27.64 -15.95 1.27
CA LEU B 191 28.49 -16.46 0.20
C LEU B 191 28.88 -15.37 -0.80
N ASP B 192 27.93 -14.52 -1.17
CA ASP B 192 28.25 -13.39 -2.05
C ASP B 192 29.24 -12.48 -1.33
N ALA B 193 29.15 -12.42 -0.01
CA ALA B 193 30.05 -11.63 0.83
C ALA B 193 31.47 -12.21 0.86
N VAL B 194 31.59 -13.54 0.99
CA VAL B 194 32.89 -14.20 0.97
C VAL B 194 33.54 -14.03 -0.39
N ALA B 195 32.72 -14.18 -1.43
CA ALA B 195 33.17 -14.01 -2.79
C ALA B 195 33.65 -12.58 -2.98
N GLY B 196 32.90 -11.65 -2.41
CA GLY B 196 33.22 -10.24 -2.47
C GLY B 196 34.50 -9.92 -1.72
N TYR B 197 34.74 -10.62 -0.62
CA TYR B 197 35.95 -10.43 0.18
C TYR B 197 37.13 -10.85 -0.68
N ALA B 198 37.08 -12.06 -1.21
CA ALA B 198 38.16 -12.57 -2.04
C ALA B 198 38.40 -11.68 -3.25
N ARG B 199 37.31 -11.13 -3.78
CA ARG B 199 37.36 -10.24 -4.94
C ARG B 199 38.00 -8.88 -4.64
N ASN B 200 37.67 -8.29 -3.49
CA ASN B 200 38.07 -6.92 -3.19
C ASN B 200 39.07 -6.74 -2.04
N ALA B 201 39.55 -7.84 -1.47
CA ALA B 201 40.43 -7.75 -0.31
C ALA B 201 41.70 -7.00 -0.62
N GLU B 202 42.47 -7.50 -1.57
CA GLU B 202 43.76 -6.92 -1.92
C GLU B 202 43.65 -5.57 -2.64
N GLU B 203 42.66 -5.41 -3.50
CA GLU B 203 42.53 -4.17 -4.28
C GLU B 203 42.06 -2.96 -3.47
N HIS B 204 41.05 -3.14 -2.62
CA HIS B 204 40.45 -2.01 -1.91
C HIS B 204 40.51 -2.12 -0.38
N TRP B 205 40.04 -3.25 0.15
CA TRP B 205 39.86 -3.43 1.58
C TRP B 205 41.12 -3.37 2.44
N LEU B 206 42.10 -4.22 2.14
CA LEU B 206 43.30 -4.25 2.97
C LEU B 206 44.07 -2.92 2.92
N PRO B 207 44.16 -2.29 1.74
CA PRO B 207 44.76 -0.94 1.77
C PRO B 207 43.98 0.03 2.65
N SER B 208 42.66 -0.06 2.65
CA SER B 208 41.84 0.80 3.49
C SER B 208 42.09 0.52 4.97
N LEU B 209 42.35 -0.73 5.29
CA LEU B 209 42.67 -1.13 6.65
C LEU B 209 43.99 -0.50 7.07
N SER B 210 45.00 -0.71 6.24
CA SER B 210 46.34 -0.20 6.53
C SER B 210 46.38 1.33 6.58
N GLU B 211 45.79 1.98 5.59
CA GLU B 211 45.72 3.44 5.56
C GLU B 211 44.84 3.99 6.69
N GLY B 212 43.79 3.25 7.04
CA GLY B 212 42.90 3.66 8.11
C GLY B 212 43.69 3.72 9.40
N ARG B 213 44.50 2.68 9.63
CA ARG B 213 45.37 2.63 10.79
C ARG B 213 46.39 3.79 10.72
N ARG B 214 46.90 4.06 9.52
CA ARG B 214 47.86 5.15 9.33
C ARG B 214 47.25 6.52 9.71
N TRP B 215 46.02 6.74 9.27
CA TRP B 215 45.31 7.99 9.54
C TRP B 215 44.98 8.14 11.01
N VAL B 216 44.46 7.07 11.61
CA VAL B 216 44.08 7.10 13.02
C VAL B 216 45.30 7.36 13.89
N GLN B 217 46.38 6.64 13.61
CA GLN B 217 47.63 6.82 14.36
C GLN B 217 48.15 8.24 14.18
N GLU B 218 48.01 8.76 12.96
CA GLU B 218 48.41 10.12 12.65
C GLU B 218 47.63 11.13 13.49
N ARG B 219 46.32 10.94 13.58
CA ARG B 219 45.45 11.84 14.36
C ARG B 219 45.74 11.78 15.85
N LEU B 220 46.02 10.57 16.33
CA LEU B 220 46.29 10.36 17.75
C LEU B 220 47.55 11.09 18.18
N ALA B 221 48.52 11.20 17.28
CA ALA B 221 49.76 11.89 17.56
C ALA B 221 49.61 13.41 17.41
N ASP B 222 48.49 13.83 16.84
CA ASP B 222 48.23 15.25 16.60
C ASP B 222 47.35 15.87 17.67
N ALA B 223 46.04 15.65 17.57
CA ALA B 223 45.09 16.25 18.48
C ALA B 223 44.38 15.22 19.34
N GLY B 224 44.59 13.95 19.05
CA GLY B 224 43.94 12.89 19.79
C GLY B 224 42.48 12.77 19.37
N ILE B 225 41.71 12.00 20.13
CA ILE B 225 40.29 11.83 19.84
C ILE B 225 39.52 13.01 20.41
N PRO B 226 38.55 13.53 19.66
CA PRO B 226 37.90 14.77 20.13
C PRO B 226 36.85 14.54 21.21
N VAL B 227 36.68 13.30 21.65
CA VAL B 227 35.69 12.99 22.67
C VAL B 227 36.27 12.04 23.73
N PRO B 228 35.66 12.02 24.92
CA PRO B 228 36.09 11.08 25.98
C PRO B 228 36.09 9.64 25.52
N THR B 229 37.18 8.93 25.78
CA THR B 229 37.38 7.60 25.24
C THR B 229 37.63 6.55 26.33
N LEU B 230 37.03 5.38 26.18
CA LEU B 230 37.29 4.28 27.09
C LEU B 230 37.67 3.04 26.30
N VAL B 231 38.77 2.42 26.70
CA VAL B 231 39.27 1.23 26.04
C VAL B 231 39.10 0.03 26.97
N VAL B 232 38.49 -1.03 26.48
CA VAL B 232 38.27 -2.20 27.32
C VAL B 232 39.01 -3.39 26.73
N TRP B 233 39.64 -4.19 27.57
CA TRP B 233 40.38 -5.34 27.05
C TRP B 233 40.43 -6.49 28.04
N GLY B 234 40.60 -7.70 27.52
CA GLY B 234 40.72 -8.87 28.36
C GLY B 234 42.17 -9.30 28.41
N VAL B 235 42.65 -9.57 29.62
CA VAL B 235 44.06 -9.89 29.82
C VAL B 235 44.43 -11.20 29.11
N ASN B 236 43.49 -12.11 29.02
CA ASN B 236 43.76 -13.39 28.37
C ASN B 236 43.22 -13.44 26.95
N ASN B 237 43.04 -12.28 26.33
CA ASN B 237 42.58 -12.21 24.95
C ASN B 237 43.56 -12.98 24.05
N ARG B 238 43.01 -13.92 23.29
CA ARG B 238 43.80 -14.83 22.47
C ARG B 238 43.97 -14.37 21.03
N SER B 239 42.92 -13.76 20.48
CA SER B 239 42.97 -13.21 19.13
C SER B 239 43.86 -11.98 19.07
N ALA B 240 43.61 -11.05 19.98
CA ALA B 240 44.36 -9.79 20.04
C ALA B 240 45.05 -9.63 21.40
N PRO B 241 46.39 -9.63 21.40
CA PRO B 241 47.12 -9.56 22.68
C PRO B 241 46.86 -8.25 23.42
N VAL B 242 46.94 -8.30 24.75
CA VAL B 242 46.71 -7.11 25.57
C VAL B 242 47.74 -6.05 25.31
N SER B 243 48.96 -6.48 24.97
CA SER B 243 50.06 -5.56 24.71
C SER B 243 49.68 -4.56 23.62
N MET B 244 48.99 -5.04 22.60
CA MET B 244 48.56 -4.17 21.51
C MET B 244 47.43 -3.24 21.97
N GLY B 245 46.63 -3.71 22.93
CA GLY B 245 45.60 -2.88 23.53
C GLY B 245 46.16 -1.74 24.35
N LYS B 246 47.16 -2.08 25.17
CA LYS B 246 47.87 -1.12 25.99
C LYS B 246 48.60 -0.11 25.11
N GLY B 247 49.20 -0.61 24.04
CA GLY B 247 49.89 0.25 23.11
C GLY B 247 48.91 1.23 22.49
N LEU B 248 47.72 0.72 22.16
CA LEU B 248 46.68 1.56 21.61
C LEU B 248 46.28 2.64 22.60
N PHE B 249 46.16 2.26 23.87
CA PHE B 249 45.84 3.21 24.92
C PHE B 249 46.93 4.26 25.08
N ASP B 250 48.19 3.84 24.92
CA ASP B 250 49.33 4.73 24.99
C ASP B 250 49.22 5.77 23.88
N LEU B 251 48.78 5.31 22.71
CA LEU B 251 48.57 6.18 21.57
C LEU B 251 47.43 7.17 21.82
N ILE B 252 46.38 6.72 22.48
CA ILE B 252 45.26 7.60 22.79
C ILE B 252 45.60 8.65 23.84
N ALA B 253 46.27 8.20 24.90
CA ALA B 253 46.58 9.03 26.06
C ALA B 253 47.52 10.20 25.73
N ALA B 254 48.20 10.11 24.59
CA ALA B 254 49.16 11.14 24.20
C ALA B 254 48.53 12.53 24.11
N ASN B 255 47.40 12.63 23.43
CA ASN B 255 46.73 13.91 23.27
C ASN B 255 45.25 13.91 23.67
N THR B 256 44.75 12.75 24.12
CA THR B 256 43.37 12.68 24.58
C THR B 256 43.34 12.71 26.10
N LEU B 257 43.02 13.88 26.64
CA LEU B 257 43.04 14.08 28.07
C LEU B 257 41.98 13.22 28.75
N ASP B 258 40.78 13.19 28.17
CA ASP B 258 39.69 12.39 28.70
C ASP B 258 39.69 10.98 28.12
N SER B 259 40.55 10.11 28.64
CA SER B 259 40.58 8.74 28.17
C SER B 259 40.92 7.80 29.32
N SER B 260 40.52 6.54 29.18
CA SER B 260 40.76 5.55 30.21
C SER B 260 40.93 4.16 29.62
N LEU B 261 41.56 3.29 30.38
CA LEU B 261 41.75 1.90 29.97
C LEU B 261 41.29 1.00 31.10
N TYR B 262 40.46 0.02 30.77
CA TYR B 262 39.99 -0.95 31.74
C TYR B 262 40.41 -2.34 31.27
N LEU B 263 41.24 -2.99 32.08
CA LEU B 263 41.71 -4.33 31.76
C LEU B 263 41.05 -5.29 32.72
N ILE B 264 40.43 -6.33 32.18
CA ILE B 264 39.76 -7.30 33.02
C ILE B 264 40.50 -8.62 32.94
N ASN B 265 40.88 -9.16 34.09
CA ASN B 265 41.58 -10.42 34.11
C ASN B 265 40.57 -11.54 33.90
N ASN B 266 41.05 -12.70 33.48
CA ASN B 266 40.17 -13.85 33.23
C ASN B 266 39.11 -13.51 32.18
N ALA B 267 39.54 -12.79 31.15
CA ALA B 267 38.64 -12.45 30.05
C ALA B 267 39.40 -12.49 28.73
N GLY B 268 38.69 -12.78 27.66
CA GLY B 268 39.29 -12.89 26.35
C GLY B 268 38.79 -11.81 25.40
N HIS B 269 38.58 -12.19 24.14
CA HIS B 269 38.10 -11.26 23.14
C HIS B 269 36.65 -10.83 23.42
N HIS B 270 35.83 -11.77 23.85
CA HIS B 270 34.44 -11.44 24.18
C HIS B 270 34.35 -11.09 25.65
N VAL B 271 34.87 -9.91 26.00
CA VAL B 271 34.95 -9.46 27.38
C VAL B 271 33.56 -9.32 27.99
N PHE B 272 32.64 -8.74 27.21
CA PHE B 272 31.28 -8.51 27.65
C PHE B 272 30.58 -9.83 27.98
N SER B 273 31.01 -10.90 27.32
CA SER B 273 30.51 -12.23 27.60
C SER B 273 31.21 -12.85 28.82
N ASP B 274 32.54 -12.87 28.76
CA ASP B 274 33.38 -13.48 29.80
C ASP B 274 33.20 -12.88 31.20
N GLN B 275 33.12 -11.56 31.28
CA GLN B 275 32.98 -10.88 32.56
C GLN B 275 31.84 -9.86 32.49
N ARG B 276 30.61 -10.36 32.38
CA ARG B 276 29.44 -9.53 32.09
C ARG B 276 29.18 -8.42 33.13
N GLU B 277 29.16 -8.77 34.41
CA GLU B 277 28.86 -7.81 35.47
C GLU B 277 29.91 -6.71 35.54
N LYS B 278 31.16 -7.15 35.45
CA LYS B 278 32.31 -6.27 35.49
C LYS B 278 32.29 -5.28 34.33
N PHE B 279 31.97 -5.80 33.16
CA PHE B 279 31.91 -5.02 31.93
C PHE B 279 30.79 -3.99 31.99
N ASN B 280 29.61 -4.43 32.41
CA ASN B 280 28.46 -3.53 32.52
C ASN B 280 28.69 -2.44 33.54
N ALA B 281 29.29 -2.82 34.67
CA ALA B 281 29.58 -1.88 35.73
C ALA B 281 30.51 -0.79 35.22
N ALA B 282 31.61 -1.21 34.59
CA ALA B 282 32.61 -0.26 34.12
C ALA B 282 32.11 0.62 32.98
N VAL B 283 31.64 -0.01 31.90
CA VAL B 283 31.20 0.73 30.71
C VAL B 283 30.00 1.61 31.03
N GLY B 284 29.07 1.06 31.80
CA GLY B 284 27.88 1.78 32.19
C GLY B 284 28.24 2.99 33.02
N ALA B 285 29.18 2.81 33.95
CA ALA B 285 29.65 3.93 34.76
C ALA B 285 30.31 4.99 33.89
N PHE B 286 31.05 4.56 32.87
CA PHE B 286 31.73 5.49 31.98
C PHE B 286 30.78 6.32 31.11
N ILE B 287 29.69 5.72 30.66
CA ILE B 287 28.74 6.43 29.79
C ILE B 287 28.05 7.53 30.59
N SER B 288 28.05 7.36 31.91
CA SER B 288 27.40 8.27 32.85
C SER B 288 28.39 9.30 33.42
N LEU B 289 28.71 10.33 32.64
CA LEU B 289 29.66 11.35 33.10
C LEU B 289 29.31 12.76 32.64
N PHE C 2 -8.95 6.66 -15.49
CA PHE C 2 -8.10 5.49 -15.63
C PHE C 2 -8.09 4.76 -14.29
N HIS C 3 -7.21 3.78 -14.17
CA HIS C 3 -7.15 3.01 -12.94
C HIS C 3 -5.70 2.69 -12.63
N THR C 4 -5.42 2.41 -11.37
CA THR C 4 -4.07 2.05 -10.96
C THR C 4 -4.25 0.91 -9.99
N VAL C 5 -3.43 -0.12 -10.12
CA VAL C 5 -3.60 -1.27 -9.25
C VAL C 5 -2.22 -1.89 -9.05
N ASP C 6 -2.10 -2.79 -8.10
CA ASP C 6 -0.82 -3.39 -7.81
C ASP C 6 -0.69 -4.76 -8.48
N VAL C 7 0.30 -4.88 -9.37
CA VAL C 7 0.57 -6.12 -10.07
C VAL C 7 1.92 -6.63 -9.63
N LYS C 8 1.89 -7.65 -8.77
CA LYS C 8 3.09 -8.26 -8.22
C LYS C 8 4.06 -7.23 -7.62
N GLY C 9 3.48 -6.26 -6.91
CA GLY C 9 4.26 -5.25 -6.22
C GLY C 9 4.63 -4.08 -7.12
N VAL C 10 4.08 -4.06 -8.32
CA VAL C 10 4.37 -2.99 -9.27
C VAL C 10 3.13 -2.14 -9.53
N GLN C 11 3.29 -0.83 -9.44
CA GLN C 11 2.19 0.08 -9.66
C GLN C 11 1.87 0.09 -11.13
N THR C 12 0.67 -0.37 -11.49
CA THR C 12 0.31 -0.47 -12.89
C THR C 12 -0.89 0.40 -13.20
N ARG C 13 -0.74 1.33 -14.14
CA ARG C 13 -1.88 2.12 -14.57
C ARG C 13 -2.48 1.47 -15.82
N TYR C 14 -3.80 1.39 -15.87
CA TYR C 14 -4.45 0.81 -17.02
C TYR C 14 -5.75 1.50 -17.37
N PHE C 15 -6.19 1.24 -18.60
CA PHE C 15 -7.37 1.85 -19.16
C PHE C 15 -8.37 0.77 -19.47
N ASP C 16 -9.63 1.03 -19.11
CA ASP C 16 -10.72 0.10 -19.34
C ASP C 16 -11.95 0.92 -19.77
N ASP C 17 -12.47 0.68 -20.96
CA ASP C 17 -13.66 1.39 -21.41
C ASP C 17 -14.90 0.81 -20.72
N GLY C 18 -14.78 -0.42 -20.24
CA GLY C 18 -15.84 -1.04 -19.47
C GLY C 18 -16.97 -1.66 -20.26
N GLN C 19 -16.82 -1.72 -21.58
CA GLN C 19 -17.85 -2.29 -22.44
C GLN C 19 -18.01 -3.79 -22.21
N ASP C 20 -19.20 -4.30 -22.48
CA ASP C 20 -19.45 -5.73 -22.34
C ASP C 20 -19.23 -6.42 -23.67
N LYS C 21 -17.94 -6.57 -24.01
CA LYS C 21 -17.50 -7.17 -25.25
C LYS C 21 -16.23 -7.97 -24.97
N ASP C 22 -15.71 -8.65 -25.98
CA ASP C 22 -14.43 -9.35 -25.85
C ASP C 22 -13.32 -8.32 -25.72
N PRO C 23 -12.38 -8.56 -24.79
CA PRO C 23 -11.33 -7.59 -24.50
C PRO C 23 -10.28 -7.49 -25.59
N ILE C 24 -9.78 -6.28 -25.75
CA ILE C 24 -8.70 -5.95 -26.67
C ILE C 24 -7.59 -5.33 -25.86
N LEU C 25 -6.43 -5.97 -25.78
CA LEU C 25 -5.39 -5.40 -24.95
C LEU C 25 -4.38 -4.65 -25.82
N LEU C 26 -4.18 -3.40 -25.46
CA LEU C 26 -3.28 -2.52 -26.16
C LEU C 26 -2.00 -2.38 -25.37
N ILE C 27 -0.91 -2.77 -26.03
CA ILE C 27 0.43 -2.66 -25.49
C ILE C 27 1.21 -1.68 -26.36
N HIS C 28 1.61 -0.56 -25.77
CA HIS C 28 2.27 0.51 -26.52
C HIS C 28 3.74 0.22 -26.82
N GLY C 29 4.35 1.07 -27.62
CA GLY C 29 5.74 0.91 -28.01
C GLY C 29 6.73 1.43 -26.98
N GLY C 30 8.01 1.26 -27.27
CA GLY C 30 9.05 1.78 -26.41
C GLY C 30 9.42 0.79 -25.31
N HIS C 31 10.45 1.15 -24.56
CA HIS C 31 10.89 0.34 -23.42
C HIS C 31 11.19 1.26 -22.24
N PHE C 32 11.38 0.68 -21.07
CA PHE C 32 11.72 1.48 -19.90
C PHE C 32 13.06 2.19 -20.12
N GLY C 33 13.09 3.48 -19.85
CA GLY C 33 14.31 4.25 -20.03
C GLY C 33 14.47 4.79 -21.43
N PHE C 34 13.44 4.60 -22.25
CA PHE C 34 13.47 5.08 -23.63
C PHE C 34 13.57 6.60 -23.62
N PHE C 35 14.31 7.14 -24.59
CA PHE C 35 14.58 8.57 -24.64
C PHE C 35 13.30 9.36 -24.90
N ILE C 36 12.22 8.64 -25.21
CA ILE C 36 10.90 9.24 -25.37
C ILE C 36 9.92 8.52 -24.45
N PRO C 37 9.13 9.29 -23.69
CA PRO C 37 8.18 8.59 -22.82
C PRO C 37 6.99 8.11 -23.64
N VAL C 38 6.60 6.85 -23.42
CA VAL C 38 5.47 6.30 -24.15
C VAL C 38 4.46 5.72 -23.17
N GLY C 39 3.18 6.00 -23.40
CA GLY C 39 2.16 5.54 -22.48
C GLY C 39 0.85 5.24 -23.18
N ILE C 40 -0.19 5.02 -22.38
CA ILE C 40 -1.51 4.70 -22.89
C ILE C 40 -2.00 5.81 -23.82
N GLU C 41 -1.71 7.05 -23.45
CA GLU C 41 -2.18 8.21 -24.20
C GLU C 41 -1.57 8.23 -25.61
N SER C 42 -0.45 7.54 -25.78
CA SER C 42 0.20 7.44 -27.08
C SER C 42 -0.68 6.72 -28.09
N TRP C 43 -1.58 5.86 -27.60
CA TRP C 43 -2.53 5.17 -28.48
C TRP C 43 -3.55 6.13 -29.06
N GLY C 44 -3.74 7.25 -28.37
CA GLY C 44 -4.61 8.30 -28.85
C GLY C 44 -5.98 7.79 -29.24
N ASN C 45 -6.36 8.11 -30.48
CA ASN C 45 -7.68 7.80 -30.98
C ASN C 45 -8.01 6.31 -31.00
N VAL C 46 -7.01 5.43 -31.10
CA VAL C 46 -7.37 4.01 -31.17
C VAL C 46 -8.05 3.61 -29.86
N LEU C 47 -7.74 4.33 -28.78
CA LEU C 47 -8.39 4.05 -27.49
C LEU C 47 -9.90 4.18 -27.61
N GLU C 48 -10.34 5.22 -28.33
CA GLU C 48 -11.75 5.45 -28.57
C GLU C 48 -12.31 4.55 -29.67
N ASP C 49 -11.57 4.53 -30.77
CA ASP C 49 -12.02 3.94 -32.02
C ASP C 49 -12.29 2.45 -31.92
N PHE C 50 -11.49 1.74 -31.12
CA PHE C 50 -11.62 0.30 -31.02
C PHE C 50 -12.80 -0.06 -30.12
N GLY C 51 -13.54 0.96 -29.70
CA GLY C 51 -14.73 0.74 -28.90
C GLY C 51 -15.76 -0.09 -29.65
N GLU C 52 -15.88 0.14 -30.95
CA GLU C 52 -16.83 -0.61 -31.77
C GLU C 52 -16.49 -2.09 -31.86
N TYR C 53 -15.20 -2.40 -31.94
CA TYR C 53 -14.74 -3.78 -32.17
C TYR C 53 -14.66 -4.63 -30.91
N GLY C 54 -14.59 -4.00 -29.74
CA GLY C 54 -14.58 -4.74 -28.49
C GLY C 54 -14.38 -3.89 -27.26
N ARG C 55 -14.16 -4.56 -26.13
CA ARG C 55 -13.90 -3.88 -24.87
C ARG C 55 -12.43 -3.51 -24.81
N VAL C 56 -12.12 -2.23 -24.95
CA VAL C 56 -10.73 -1.82 -25.04
C VAL C 56 -10.08 -1.69 -23.67
N LEU C 57 -8.91 -2.28 -23.55
CA LEU C 57 -8.09 -2.15 -22.37
C LEU C 57 -6.71 -1.78 -22.87
N ALA C 58 -6.06 -0.83 -22.22
CA ALA C 58 -4.69 -0.49 -22.60
C ALA C 58 -3.82 -0.42 -21.37
N VAL C 59 -2.57 -0.87 -21.45
CA VAL C 59 -1.80 -0.84 -20.21
C VAL C 59 -0.46 -0.12 -20.36
N ASP C 60 -0.07 0.61 -19.32
CA ASP C 60 1.22 1.29 -19.29
C ASP C 60 2.25 0.22 -18.90
N LYS C 61 3.32 0.11 -19.68
CA LYS C 61 4.29 -0.96 -19.49
C LYS C 61 5.23 -0.72 -18.31
N LEU C 62 5.98 -1.77 -17.97
CA LEU C 62 6.95 -1.73 -16.89
C LEU C 62 7.92 -0.57 -17.12
N GLY C 63 8.05 0.30 -16.14
CA GLY C 63 8.99 1.41 -16.25
C GLY C 63 8.64 2.41 -17.33
N GLN C 64 7.36 2.47 -17.69
CA GLN C 64 6.89 3.42 -18.70
C GLN C 64 5.60 4.07 -18.26
N GLY C 65 5.33 5.25 -18.80
CA GLY C 65 4.12 5.97 -18.44
C GLY C 65 4.04 6.28 -16.96
N GLU C 66 2.95 5.90 -16.32
CA GLU C 66 2.77 6.16 -14.91
C GLU C 66 2.96 4.90 -14.07
N THR C 67 3.54 3.86 -14.67
CA THR C 67 3.83 2.62 -13.95
C THR C 67 5.24 2.59 -13.39
N GLY C 68 5.39 1.86 -12.29
CA GLY C 68 6.64 1.79 -11.57
C GLY C 68 7.70 1.01 -12.32
N LEU C 69 8.95 1.26 -11.96
CA LEU C 69 10.08 0.56 -12.55
C LEU C 69 10.09 -0.88 -12.10
N PRO C 70 10.83 -1.76 -12.79
CA PRO C 70 10.92 -3.15 -12.36
C PRO C 70 11.47 -3.23 -10.94
N LEU C 71 11.02 -4.21 -10.17
CA LEU C 71 11.40 -4.33 -8.77
C LEU C 71 12.91 -4.58 -8.61
N ASN C 72 13.48 -5.32 -9.55
CA ASN C 72 14.90 -5.64 -9.51
C ASN C 72 15.59 -5.33 -10.83
N ASP C 73 16.91 -5.23 -10.79
CA ASP C 73 17.70 -4.96 -11.99
C ASP C 73 17.61 -6.15 -12.95
N GLU C 74 17.37 -7.33 -12.41
CA GLU C 74 17.21 -8.55 -13.20
C GLU C 74 15.91 -8.54 -14.00
N ASP C 75 14.96 -7.71 -13.57
CA ASP C 75 13.64 -7.68 -14.20
C ASP C 75 13.61 -6.72 -15.38
N TRP C 76 14.77 -6.18 -15.74
CA TRP C 76 14.86 -5.33 -16.92
C TRP C 76 15.07 -6.21 -18.14
N THR C 77 14.15 -7.15 -18.33
CA THR C 77 14.20 -8.09 -19.44
C THR C 77 12.89 -8.06 -20.20
N VAL C 78 12.93 -8.56 -21.43
CA VAL C 78 11.78 -8.63 -22.30
C VAL C 78 10.71 -9.56 -21.69
N ASP C 79 11.17 -10.69 -21.15
CA ASP C 79 10.28 -11.67 -20.54
C ASP C 79 9.58 -11.10 -19.32
N ALA C 80 10.28 -10.25 -18.58
CA ALA C 80 9.70 -9.60 -17.41
C ALA C 80 8.58 -8.63 -17.80
N VAL C 81 8.77 -7.90 -18.89
CA VAL C 81 7.74 -7.01 -19.40
C VAL C 81 6.52 -7.83 -19.79
N ALA C 82 6.78 -8.92 -20.49
CA ALA C 82 5.70 -9.79 -20.94
C ALA C 82 4.96 -10.37 -19.74
N GLU C 83 5.71 -10.74 -18.70
CA GLU C 83 5.14 -11.30 -17.48
C GLU C 83 4.31 -10.28 -16.72
N HIS C 84 4.75 -9.02 -16.76
CA HIS C 84 4.00 -7.95 -16.10
C HIS C 84 2.64 -7.82 -16.80
N VAL C 85 2.66 -7.83 -18.13
CA VAL C 85 1.41 -7.71 -18.87
C VAL C 85 0.51 -8.94 -18.67
N ALA C 86 1.11 -10.12 -18.65
CA ALA C 86 0.37 -11.37 -18.48
C ALA C 86 -0.30 -11.42 -17.11
N ASN C 87 0.46 -11.05 -16.08
CA ASN C 87 -0.05 -11.01 -14.73
C ASN C 87 -1.17 -9.98 -14.61
N PHE C 88 -1.00 -8.86 -15.31
CA PHE C 88 -2.03 -7.84 -15.32
C PHE C 88 -3.35 -8.32 -15.93
N ALA C 89 -3.25 -8.96 -17.10
CA ALA C 89 -4.44 -9.44 -17.80
C ALA C 89 -5.11 -10.55 -17.00
N THR C 90 -4.29 -11.40 -16.37
CA THR C 90 -4.78 -12.47 -15.54
C THR C 90 -5.52 -11.93 -14.33
N GLN C 91 -4.99 -10.85 -13.76
CA GLN C 91 -5.59 -10.21 -12.59
C GLN C 91 -6.98 -9.67 -12.88
N LEU C 92 -7.19 -9.19 -14.10
CA LEU C 92 -8.48 -8.63 -14.48
C LEU C 92 -9.38 -9.71 -15.05
N GLY C 93 -8.89 -10.96 -15.03
CA GLY C 93 -9.63 -12.11 -15.51
C GLY C 93 -9.97 -12.09 -16.98
N LEU C 94 -9.09 -11.51 -17.79
CA LEU C 94 -9.31 -11.42 -19.23
C LEU C 94 -9.15 -12.75 -19.96
N LYS C 95 -10.11 -13.01 -20.85
CA LYS C 95 -10.16 -14.20 -21.70
C LYS C 95 -10.75 -13.69 -23.02
N ASN C 96 -10.57 -14.44 -24.12
CA ASN C 96 -10.99 -13.98 -25.44
C ASN C 96 -10.23 -12.73 -25.81
N LEU C 97 -8.99 -12.66 -25.34
CA LEU C 97 -8.17 -11.46 -25.50
C LEU C 97 -7.74 -11.27 -26.95
N THR C 98 -7.72 -10.03 -27.40
CA THR C 98 -7.11 -9.73 -28.68
C THR C 98 -5.94 -8.83 -28.37
N LEU C 99 -4.75 -9.26 -28.74
CA LEU C 99 -3.56 -8.49 -28.41
C LEU C 99 -3.16 -7.62 -29.58
N VAL C 100 -3.08 -6.34 -29.31
CA VAL C 100 -2.67 -5.37 -30.30
C VAL C 100 -1.43 -4.67 -29.76
N GLY C 101 -0.28 -4.95 -30.36
CA GLY C 101 0.96 -4.39 -29.87
C GLY C 101 1.66 -3.58 -30.94
N HIS C 102 2.29 -2.50 -30.50
CA HIS C 102 3.01 -1.61 -31.40
C HIS C 102 4.47 -1.51 -30.98
N SER C 103 5.35 -1.49 -31.99
CA SER C 103 6.80 -1.41 -31.76
C SER C 103 7.28 -2.50 -30.83
N ARG C 104 7.92 -2.10 -29.73
CA ARG C 104 8.44 -3.07 -28.76
C ARG C 104 7.29 -3.86 -28.13
N GLY C 105 6.13 -3.21 -28.04
CA GLY C 105 4.96 -3.85 -27.48
C GLY C 105 4.56 -5.02 -28.34
N GLY C 106 4.87 -4.92 -29.63
CA GLY C 106 4.56 -5.99 -30.55
C GLY C 106 5.26 -7.25 -30.09
N MET C 107 6.52 -7.12 -29.67
CA MET C 107 7.26 -8.28 -29.20
C MET C 107 6.53 -8.88 -28.02
N THR C 108 6.09 -8.00 -27.12
CA THR C 108 5.42 -8.43 -25.91
C THR C 108 4.22 -9.26 -26.32
N ALA C 109 3.48 -8.74 -27.29
CA ALA C 109 2.24 -9.39 -27.69
C ALA C 109 2.55 -10.79 -28.18
N VAL C 110 3.59 -10.90 -29.00
CA VAL C 110 3.95 -12.18 -29.58
C VAL C 110 4.24 -13.16 -28.46
N LEU C 111 5.01 -12.69 -27.49
CA LEU C 111 5.45 -13.57 -26.42
C LEU C 111 4.23 -14.09 -25.69
N LEU C 112 3.30 -13.18 -25.40
CA LEU C 112 2.12 -13.55 -24.65
C LEU C 112 1.40 -14.58 -25.50
N ALA C 113 1.26 -14.23 -26.78
CA ALA C 113 0.56 -15.08 -27.72
C ALA C 113 1.24 -16.43 -27.79
N LEU C 114 2.56 -16.42 -27.78
CA LEU C 114 3.29 -17.67 -27.81
C LEU C 114 3.17 -18.43 -26.49
N LYS C 115 3.33 -17.75 -25.36
CA LYS C 115 3.38 -18.49 -24.10
C LYS C 115 2.02 -18.81 -23.51
N TYR C 116 1.03 -17.96 -23.75
CA TYR C 116 -0.25 -18.19 -23.12
C TYR C 116 -1.38 -18.20 -24.16
N PRO C 117 -1.38 -19.21 -25.06
CA PRO C 117 -2.40 -19.27 -26.11
C PRO C 117 -3.84 -19.40 -25.60
N GLU C 118 -4.03 -20.00 -24.44
CA GLU C 118 -5.39 -20.18 -23.90
C GLU C 118 -6.03 -18.83 -23.57
N MET C 119 -5.21 -17.90 -23.10
CA MET C 119 -5.70 -16.56 -22.74
C MET C 119 -5.98 -15.73 -23.99
N VAL C 120 -5.14 -15.89 -25.01
CA VAL C 120 -5.22 -15.10 -26.22
C VAL C 120 -6.02 -15.78 -27.34
N LYS C 121 -6.84 -15.01 -28.04
CA LYS C 121 -7.63 -15.55 -29.14
C LYS C 121 -7.19 -14.95 -30.49
N LYS C 122 -6.68 -13.72 -30.45
CA LYS C 122 -6.19 -13.05 -31.64
C LYS C 122 -4.96 -12.20 -31.35
N LEU C 123 -4.15 -11.96 -32.38
CA LEU C 123 -2.94 -11.18 -32.23
C LEU C 123 -2.75 -10.19 -33.37
N VAL C 124 -2.43 -8.95 -33.03
CA VAL C 124 -2.13 -7.93 -34.02
C VAL C 124 -0.78 -7.30 -33.72
N ILE C 125 0.12 -7.33 -34.70
CA ILE C 125 1.44 -6.75 -34.56
C ILE C 125 1.58 -5.56 -35.49
N ILE C 126 1.95 -4.40 -34.95
CA ILE C 126 2.08 -3.20 -35.75
C ILE C 126 3.48 -2.61 -35.71
N SER C 127 4.13 -2.55 -36.87
CA SER C 127 5.41 -1.86 -37.02
C SER C 127 6.43 -2.27 -35.98
N SER C 128 6.53 -3.57 -35.71
CA SER C 128 7.43 -4.03 -34.67
C SER C 128 8.78 -4.50 -35.18
N ALA C 129 9.76 -3.61 -35.12
CA ALA C 129 11.13 -3.99 -35.44
C ALA C 129 11.63 -4.96 -34.37
N THR C 130 11.05 -4.84 -33.18
CA THR C 130 11.41 -5.70 -32.06
C THR C 130 11.00 -7.16 -32.30
N ALA C 131 9.79 -7.37 -32.79
CA ALA C 131 9.32 -8.72 -33.11
C ALA C 131 10.07 -9.27 -34.30
N ALA C 132 10.41 -8.39 -35.24
CA ALA C 132 11.09 -8.79 -36.46
C ALA C 132 12.52 -9.24 -36.16
N PRO C 133 13.20 -9.85 -37.14
CA PRO C 133 14.60 -10.20 -36.89
C PRO C 133 15.46 -8.94 -36.70
N ALA C 134 16.59 -9.10 -36.02
CA ALA C 134 17.51 -7.98 -35.80
C ALA C 134 18.06 -7.48 -37.13
N PRO C 135 18.35 -6.16 -37.21
CA PRO C 135 18.86 -5.55 -38.44
C PRO C 135 20.17 -6.19 -38.92
N PRO C 136 20.41 -6.17 -40.24
CA PRO C 136 21.64 -6.77 -40.78
C PRO C 136 22.88 -6.07 -40.23
N VAL C 137 22.80 -4.75 -40.10
CA VAL C 137 23.87 -3.97 -39.50
C VAL C 137 23.29 -3.01 -38.46
N GLY C 138 24.00 -2.87 -37.34
CA GLY C 138 23.57 -1.97 -36.29
C GLY C 138 22.51 -2.63 -35.43
N THR C 139 21.71 -1.80 -34.76
CA THR C 139 20.65 -2.26 -33.90
C THR C 139 19.37 -1.53 -34.27
N ASP C 140 18.25 -1.98 -33.72
CA ASP C 140 16.97 -1.35 -34.00
C ASP C 140 16.87 0.05 -33.39
N MET C 141 17.81 0.39 -32.51
CA MET C 141 17.80 1.67 -31.80
C MET C 141 18.52 2.79 -32.56
N ASP C 142 19.20 2.41 -33.64
CA ASP C 142 20.07 3.34 -34.35
C ASP C 142 19.35 4.60 -34.80
N PHE C 143 18.18 4.41 -35.40
CA PHE C 143 17.39 5.53 -35.90
C PHE C 143 17.12 6.48 -34.76
N TYR C 144 16.68 5.93 -33.63
CA TYR C 144 16.32 6.75 -32.49
C TYR C 144 17.51 7.52 -31.97
N GLU C 145 18.68 6.87 -31.97
CA GLU C 145 19.86 7.52 -31.45
C GLU C 145 20.11 8.77 -32.26
N ARG C 146 19.92 8.65 -33.57
CA ARG C 146 20.14 9.78 -34.45
C ARG C 146 19.21 10.91 -34.07
N VAL C 147 17.93 10.62 -33.92
CA VAL C 147 17.01 11.71 -33.64
C VAL C 147 17.30 12.28 -32.28
N GLU C 148 17.72 11.43 -31.35
CA GLU C 148 18.03 11.93 -30.02
C GLU C 148 19.23 12.87 -30.11
N ARG C 149 20.23 12.47 -30.88
CA ARG C 149 21.45 13.25 -31.01
C ARG C 149 21.21 14.61 -31.69
N THR C 150 20.17 14.70 -32.51
CA THR C 150 19.90 15.90 -33.29
C THR C 150 18.82 16.84 -32.71
N ALA C 151 18.28 16.52 -31.55
CA ALA C 151 17.20 17.27 -30.93
C ALA C 151 17.66 18.55 -30.25
N PRO C 152 16.90 19.65 -30.42
CA PRO C 152 17.22 20.91 -29.71
C PRO C 152 16.68 20.92 -28.29
N SER C 155 11.66 18.10 -22.36
CA SER C 155 11.46 19.18 -23.31
C SER C 155 10.44 18.81 -24.39
N ALA C 156 9.54 19.74 -24.68
CA ALA C 156 8.55 19.54 -25.73
C ALA C 156 9.24 19.46 -27.09
N GLU C 157 10.33 20.19 -27.21
CA GLU C 157 11.09 20.25 -28.46
C GLU C 157 11.54 18.86 -28.92
N LEU C 158 11.87 17.99 -27.97
CA LEU C 158 12.27 16.61 -28.26
C LEU C 158 11.11 15.78 -28.81
N ILE C 159 9.97 15.88 -28.15
CA ILE C 159 8.77 15.15 -28.57
C ILE C 159 8.33 15.58 -29.96
N ARG C 160 8.36 16.88 -30.18
CA ARG C 160 8.02 17.46 -31.47
C ARG C 160 9.00 16.99 -32.53
N HIS C 161 10.27 16.90 -32.12
CA HIS C 161 11.35 16.43 -32.98
C HIS C 161 11.15 14.99 -33.42
N TYR C 162 10.79 14.14 -32.46
CA TYR C 162 10.57 12.72 -32.72
C TYR C 162 9.38 12.57 -33.64
N HIS C 163 8.33 13.32 -33.36
CA HIS C 163 7.14 13.27 -34.19
C HIS C 163 7.44 13.71 -35.61
N ALA C 164 8.24 14.76 -35.76
CA ALA C 164 8.62 15.23 -37.09
C ALA C 164 9.47 14.17 -37.79
N ALA C 165 10.27 13.46 -37.00
CA ALA C 165 11.14 12.43 -37.54
C ALA C 165 10.38 11.25 -38.13
N GLN C 166 9.30 10.84 -37.47
CA GLN C 166 8.60 9.66 -37.97
C GLN C 166 7.28 9.92 -38.72
N ALA C 167 6.68 11.09 -38.54
CA ALA C 167 5.41 11.36 -39.20
C ALA C 167 5.61 11.48 -40.70
N VAL C 168 4.68 10.92 -41.47
CA VAL C 168 4.74 10.97 -42.92
C VAL C 168 3.47 11.60 -43.46
N ASN C 169 2.35 11.23 -42.85
CA ASN C 169 1.05 11.74 -43.25
C ASN C 169 0.32 12.56 -42.18
N GLU C 170 0.80 12.52 -40.94
CA GLU C 170 0.05 13.17 -39.87
C GLU C 170 0.55 14.57 -39.55
N GLY C 171 -0.34 15.34 -38.93
CA GLY C 171 -0.10 16.71 -38.52
C GLY C 171 0.45 16.81 -37.12
N ASP C 172 0.72 18.04 -36.69
CA ASP C 172 1.31 18.33 -35.38
C ASP C 172 0.54 17.69 -34.23
N LEU C 173 1.28 17.29 -33.21
CA LEU C 173 0.74 16.58 -32.05
C LEU C 173 -0.19 17.46 -31.22
N PRO C 174 -1.16 16.84 -30.54
CA PRO C 174 -2.08 17.55 -29.64
C PRO C 174 -1.36 18.16 -28.43
N GLU C 175 -1.77 19.37 -28.04
CA GLU C 175 -1.14 20.07 -26.92
C GLU C 175 -1.30 19.30 -25.62
N ASP C 176 -2.43 18.60 -25.49
CA ASP C 176 -2.69 17.79 -24.31
C ASP C 176 -1.67 16.67 -24.21
N TYR C 177 -1.45 16.00 -25.34
CA TYR C 177 -0.48 14.91 -25.41
C TYR C 177 0.92 15.42 -25.11
N ILE C 178 1.24 16.59 -25.65
CA ILE C 178 2.53 17.22 -25.41
C ILE C 178 2.70 17.52 -23.93
N GLY C 179 1.64 17.98 -23.27
CA GLY C 179 1.70 18.29 -21.85
C GLY C 179 1.97 17.04 -21.05
N ILE C 180 1.25 15.97 -21.38
CA ILE C 180 1.41 14.71 -20.67
C ILE C 180 2.81 14.13 -20.86
N ALA C 181 3.28 14.16 -22.10
CA ALA C 181 4.58 13.60 -22.46
C ALA C 181 5.72 14.41 -21.83
N THR C 182 5.56 15.73 -21.80
CA THR C 182 6.53 16.59 -21.17
C THR C 182 6.57 16.29 -19.68
N LYS C 183 5.39 16.14 -19.07
CA LYS C 183 5.33 15.82 -17.66
C LYS C 183 6.05 14.50 -17.39
N TRP C 184 5.86 13.54 -18.28
CA TRP C 184 6.55 12.25 -18.18
C TRP C 184 8.05 12.40 -18.33
N LEU C 185 8.45 13.28 -19.23
CA LEU C 185 9.85 13.49 -19.57
C LEU C 185 10.58 14.03 -18.34
N GLU C 186 9.95 15.00 -17.67
CA GLU C 186 10.51 15.59 -16.45
C GLU C 186 10.40 14.73 -15.19
N SER C 187 9.51 13.74 -15.21
CA SER C 187 9.24 12.94 -14.00
C SER C 187 10.51 12.30 -13.43
N GLU C 188 10.52 12.08 -12.12
CA GLU C 188 11.64 11.44 -11.47
C GLU C 188 11.72 10.00 -11.96
N LYS C 189 10.55 9.43 -12.25
CA LYS C 189 10.46 8.08 -12.78
C LYS C 189 11.20 7.95 -14.10
N GLN C 190 11.12 8.97 -14.93
CA GLN C 190 11.84 8.99 -16.21
C GLN C 190 13.36 9.05 -16.01
N LEU C 191 13.83 9.89 -15.10
CA LEU C 191 15.26 10.01 -14.83
C LEU C 191 15.80 8.69 -14.29
N ASP C 192 15.04 8.10 -13.37
CA ASP C 192 15.38 6.82 -12.77
C ASP C 192 15.39 5.74 -13.83
N ALA C 193 14.47 5.89 -14.80
CA ALA C 193 14.34 4.94 -15.91
C ALA C 193 15.50 5.01 -16.89
N VAL C 194 15.91 6.22 -17.27
CA VAL C 194 17.05 6.39 -18.18
C VAL C 194 18.35 5.94 -17.53
N ALA C 195 18.53 6.34 -16.28
CA ALA C 195 19.74 5.97 -15.56
C ALA C 195 19.78 4.45 -15.39
N GLY C 196 18.62 3.89 -15.06
CA GLY C 196 18.48 2.46 -14.89
C GLY C 196 18.76 1.77 -16.22
N TYR C 197 18.33 2.42 -17.30
CA TYR C 197 18.54 1.89 -18.64
C TYR C 197 20.02 1.76 -18.94
N ALA C 198 20.77 2.85 -18.80
CA ALA C 198 22.21 2.78 -19.06
C ALA C 198 22.86 1.77 -18.13
N ARG C 199 22.34 1.67 -16.91
CA ARG C 199 22.88 0.80 -15.88
C ARG C 199 22.73 -0.71 -16.14
N ASN C 200 21.55 -1.16 -16.55
CA ASN C 200 21.33 -2.60 -16.70
C ASN C 200 21.05 -3.06 -18.15
N ALA C 201 21.16 -2.15 -19.11
CA ALA C 201 20.87 -2.47 -20.51
C ALA C 201 21.77 -3.57 -21.08
N GLU C 202 23.08 -3.35 -21.03
CA GLU C 202 24.04 -4.29 -21.63
C GLU C 202 24.01 -5.64 -20.91
N GLU C 203 23.85 -5.58 -19.59
CA GLU C 203 23.85 -6.81 -18.79
C GLU C 203 22.56 -7.61 -18.96
N HIS C 204 21.42 -6.92 -19.00
CA HIS C 204 20.11 -7.60 -19.03
C HIS C 204 19.24 -7.35 -20.26
N TRP C 205 18.99 -6.10 -20.59
CA TRP C 205 17.99 -5.74 -21.60
C TRP C 205 18.33 -6.27 -22.99
N LEU C 206 19.51 -5.92 -23.49
CA LEU C 206 19.89 -6.32 -24.84
C LEU C 206 20.00 -7.86 -24.99
N PRO C 207 20.57 -8.57 -23.98
CA PRO C 207 20.55 -10.03 -24.10
C PRO C 207 19.14 -10.60 -24.13
N SER C 208 18.25 -10.00 -23.36
CA SER C 208 16.86 -10.43 -23.31
C SER C 208 16.23 -10.21 -24.69
N LEU C 209 16.65 -9.15 -25.37
CA LEU C 209 16.20 -8.89 -26.74
C LEU C 209 16.68 -9.96 -27.72
N SER C 210 17.98 -10.23 -27.71
CA SER C 210 18.55 -11.18 -28.64
C SER C 210 17.99 -12.59 -28.43
N GLU C 211 17.99 -13.04 -27.19
CA GLU C 211 17.48 -14.36 -26.86
C GLU C 211 15.99 -14.43 -27.14
N GLY C 212 15.28 -13.33 -26.90
CA GLY C 212 13.86 -13.27 -27.17
C GLY C 212 13.55 -13.41 -28.65
N ARG C 213 14.29 -12.66 -29.47
CA ARG C 213 14.10 -12.70 -30.92
C ARG C 213 14.45 -14.06 -31.51
N ARG C 214 15.58 -14.62 -31.06
CA ARG C 214 16.00 -15.94 -31.55
C ARG C 214 14.95 -16.99 -31.13
N TRP C 215 14.42 -16.85 -29.92
CA TRP C 215 13.40 -17.76 -29.43
C TRP C 215 12.15 -17.67 -30.29
N VAL C 216 11.72 -16.45 -30.56
CA VAL C 216 10.54 -16.19 -31.37
C VAL C 216 10.72 -16.76 -32.78
N GLN C 217 11.88 -16.51 -33.37
CA GLN C 217 12.20 -17.00 -34.70
C GLN C 217 12.19 -18.52 -34.74
N GLU C 218 12.71 -19.13 -33.67
CA GLU C 218 12.72 -20.58 -33.54
C GLU C 218 11.30 -21.14 -33.48
N ARG C 219 10.47 -20.49 -32.68
CA ARG C 219 9.08 -20.92 -32.52
C ARG C 219 8.32 -20.76 -33.85
N LEU C 220 8.61 -19.66 -34.55
CA LEU C 220 7.99 -19.37 -35.84
C LEU C 220 8.42 -20.41 -36.85
N ALA C 221 9.65 -20.90 -36.69
CA ALA C 221 10.18 -21.92 -37.58
C ALA C 221 9.69 -23.30 -37.15
N ASP C 222 9.09 -23.37 -35.96
CA ASP C 222 8.61 -24.63 -35.43
C ASP C 222 7.11 -24.81 -35.68
N ALA C 223 6.28 -24.19 -34.84
CA ALA C 223 4.84 -24.33 -34.96
C ALA C 223 4.13 -23.02 -35.29
N GLY C 224 4.86 -21.93 -35.29
CA GLY C 224 4.28 -20.62 -35.57
C GLY C 224 3.48 -20.08 -34.40
N ILE C 225 2.70 -19.03 -34.64
CA ILE C 225 1.86 -18.45 -33.60
C ILE C 225 0.55 -19.24 -33.49
N PRO C 226 0.12 -19.52 -32.26
CA PRO C 226 -1.05 -20.37 -32.02
C PRO C 226 -2.40 -19.67 -32.17
N VAL C 227 -2.39 -18.41 -32.60
CA VAL C 227 -3.63 -17.66 -32.74
C VAL C 227 -3.68 -16.94 -34.08
N PRO C 228 -4.90 -16.57 -34.54
CA PRO C 228 -5.00 -15.79 -35.77
C PRO C 228 -4.17 -14.52 -35.66
N THR C 229 -3.34 -14.26 -36.66
CA THR C 229 -2.39 -13.17 -36.57
C THR C 229 -2.52 -12.16 -37.69
N LEU C 230 -2.40 -10.88 -37.35
CA LEU C 230 -2.40 -9.84 -38.36
C LEU C 230 -1.18 -8.95 -38.15
N VAL C 231 -0.44 -8.72 -39.21
CA VAL C 231 0.73 -7.86 -39.15
C VAL C 231 0.43 -6.61 -39.94
N VAL C 232 0.61 -5.45 -39.33
CA VAL C 232 0.29 -4.20 -39.99
C VAL C 232 1.55 -3.38 -40.14
N TRP C 233 1.73 -2.74 -41.30
CA TRP C 233 2.94 -1.98 -41.49
C TRP C 233 2.75 -0.79 -42.44
N GLY C 234 3.59 0.23 -42.27
CA GLY C 234 3.54 1.40 -43.13
C GLY C 234 4.69 1.37 -44.12
N VAL C 235 4.38 1.62 -45.40
CA VAL C 235 5.39 1.57 -46.45
C VAL C 235 6.46 2.66 -46.26
N ASN C 236 6.07 3.80 -45.71
CA ASN C 236 7.00 4.92 -45.56
C ASN C 236 7.60 5.01 -44.17
N ASN C 237 7.58 3.91 -43.43
CA ASN C 237 8.18 3.86 -42.10
C ASN C 237 9.66 4.16 -42.14
N ARG C 238 10.08 5.14 -41.35
CA ARG C 238 11.48 5.54 -41.31
C ARG C 238 12.20 4.84 -40.17
N SER C 239 11.46 4.58 -39.09
CA SER C 239 12.03 3.87 -37.95
C SER C 239 12.35 2.42 -38.29
N ALA C 240 11.36 1.68 -38.79
CA ALA C 240 11.56 0.29 -39.19
C ALA C 240 11.12 0.09 -40.64
N PRO C 241 12.06 -0.23 -41.54
CA PRO C 241 11.73 -0.34 -42.97
C PRO C 241 10.74 -1.46 -43.24
N VAL C 242 9.98 -1.34 -44.34
CA VAL C 242 8.97 -2.34 -44.68
C VAL C 242 9.56 -3.72 -44.93
N SER C 243 10.78 -3.76 -45.43
CA SER C 243 11.43 -5.03 -45.78
C SER C 243 11.45 -6.01 -44.62
N MET C 244 11.77 -5.50 -43.44
CA MET C 244 11.82 -6.33 -42.24
C MET C 244 10.42 -6.72 -41.77
N GLY C 245 9.44 -5.88 -42.07
CA GLY C 245 8.06 -6.20 -41.80
C GLY C 245 7.64 -7.37 -42.69
N LYS C 246 8.00 -7.30 -43.96
CA LYS C 246 7.69 -8.39 -44.88
C LYS C 246 8.43 -9.67 -44.46
N GLY C 247 9.69 -9.54 -44.02
CA GLY C 247 10.43 -10.70 -43.58
C GLY C 247 9.79 -11.34 -42.36
N LEU C 248 9.32 -10.49 -41.46
CA LEU C 248 8.65 -10.96 -40.26
C LEU C 248 7.38 -11.70 -40.62
N PHE C 249 6.62 -11.14 -41.56
CA PHE C 249 5.40 -11.81 -41.99
C PHE C 249 5.72 -13.12 -42.67
N ASP C 250 6.83 -13.19 -43.41
CA ASP C 250 7.20 -14.45 -44.05
C ASP C 250 7.48 -15.51 -42.99
N LEU C 251 8.19 -15.10 -41.93
CA LEU C 251 8.51 -15.99 -40.84
C LEU C 251 7.24 -16.47 -40.12
N ILE C 252 6.27 -15.58 -39.96
CA ILE C 252 5.01 -15.95 -39.33
C ILE C 252 4.18 -16.88 -40.24
N ALA C 253 4.05 -16.48 -41.50
CA ALA C 253 3.22 -17.17 -42.49
C ALA C 253 3.76 -18.56 -42.79
N ALA C 254 5.02 -18.80 -42.46
CA ALA C 254 5.64 -20.09 -42.72
C ALA C 254 4.87 -21.23 -42.05
N ASN C 255 4.52 -21.05 -40.77
CA ASN C 255 3.80 -22.08 -40.03
C ASN C 255 2.50 -21.62 -39.39
N THR C 256 2.14 -20.35 -39.59
CA THR C 256 0.86 -19.83 -39.08
C THR C 256 -0.15 -19.71 -40.22
N LEU C 257 -1.06 -20.67 -40.34
CA LEU C 257 -2.01 -20.65 -41.45
C LEU C 257 -2.93 -19.44 -41.38
N ASP C 258 -3.45 -19.15 -40.20
CA ASP C 258 -4.32 -18.00 -40.05
C ASP C 258 -3.51 -16.76 -39.74
N SER C 259 -2.91 -16.20 -40.79
CA SER C 259 -2.12 -15.00 -40.63
C SER C 259 -2.31 -14.12 -41.86
N SER C 260 -2.09 -12.83 -41.69
CA SER C 260 -2.28 -11.90 -42.79
C SER C 260 -1.36 -10.70 -42.63
N LEU C 261 -1.10 -10.03 -43.75
CA LEU C 261 -0.26 -8.85 -43.72
C LEU C 261 -0.98 -7.71 -44.42
N TYR C 262 -1.07 -6.56 -43.75
CA TYR C 262 -1.68 -5.40 -44.34
C TYR C 262 -0.62 -4.30 -44.41
N LEU C 263 -0.31 -3.89 -45.64
CA LEU C 263 0.68 -2.86 -45.88
C LEU C 263 -0.05 -1.61 -46.32
N ILE C 264 0.26 -0.51 -45.66
CA ILE C 264 -0.37 0.77 -45.97
C ILE C 264 0.63 1.74 -46.53
N ASN C 265 0.32 2.31 -47.68
CA ASN C 265 1.17 3.31 -48.28
C ASN C 265 0.96 4.65 -47.59
N ASN C 266 1.95 5.53 -47.72
CA ASN C 266 1.87 6.87 -47.15
C ASN C 266 1.66 6.82 -45.64
N ALA C 267 2.34 5.89 -44.98
CA ALA C 267 2.27 5.75 -43.55
C ALA C 267 3.63 5.36 -43.00
N GLY C 268 3.90 5.73 -41.75
CA GLY C 268 5.20 5.45 -41.15
C GLY C 268 5.10 4.46 -40.01
N HIS C 269 5.88 4.70 -38.96
CA HIS C 269 5.89 3.83 -37.80
C HIS C 269 4.56 3.88 -37.06
N HIS C 270 3.97 5.06 -36.97
CA HIS C 270 2.71 5.22 -36.29
C HIS C 270 1.55 5.06 -37.27
N VAL C 271 1.30 3.81 -37.68
CA VAL C 271 0.28 3.51 -38.68
C VAL C 271 -1.13 3.87 -38.25
N PHE C 272 -1.47 3.52 -37.02
CA PHE C 272 -2.79 3.80 -36.47
C PHE C 272 -3.00 5.29 -36.45
N SER C 273 -1.89 6.00 -36.34
CA SER C 273 -1.90 7.44 -36.42
C SER C 273 -1.95 7.99 -37.85
N ASP C 274 -0.97 7.60 -38.68
CA ASP C 274 -0.83 8.13 -40.04
C ASP C 274 -2.02 7.89 -40.97
N GLN C 275 -2.59 6.70 -40.90
CA GLN C 275 -3.74 6.34 -41.73
C GLN C 275 -4.83 5.75 -40.86
N ARG C 276 -5.45 6.63 -40.05
CA ARG C 276 -6.38 6.20 -39.02
C ARG C 276 -7.58 5.41 -39.56
N GLU C 277 -8.25 5.92 -40.58
CA GLU C 277 -9.44 5.24 -41.10
C GLU C 277 -9.09 3.90 -41.73
N LYS C 278 -8.01 3.85 -42.51
CA LYS C 278 -7.58 2.60 -43.13
C LYS C 278 -7.21 1.59 -42.05
N PHE C 279 -6.52 2.08 -41.02
CA PHE C 279 -6.08 1.23 -39.93
C PHE C 279 -7.26 0.64 -39.18
N ASN C 280 -8.21 1.49 -38.81
CA ASN C 280 -9.38 1.04 -38.07
C ASN C 280 -10.21 0.08 -38.90
N ALA C 281 -10.38 0.40 -40.18
CA ALA C 281 -11.16 -0.46 -41.06
C ALA C 281 -10.54 -1.85 -41.13
N ALA C 282 -9.24 -1.90 -41.41
CA ALA C 282 -8.56 -3.18 -41.58
C ALA C 282 -8.48 -3.99 -40.29
N VAL C 283 -7.89 -3.39 -39.26
CA VAL C 283 -7.70 -4.08 -38.00
C VAL C 283 -9.03 -4.43 -37.36
N GLY C 284 -9.97 -3.50 -37.46
CA GLY C 284 -11.31 -3.72 -36.93
C GLY C 284 -11.99 -4.86 -37.65
N ALA C 285 -11.82 -4.93 -38.96
CA ALA C 285 -12.38 -6.03 -39.74
C ALA C 285 -11.78 -7.36 -39.27
N PHE C 286 -10.48 -7.34 -38.98
CA PHE C 286 -9.80 -8.54 -38.51
C PHE C 286 -10.25 -9.00 -37.11
N ILE C 287 -10.51 -8.05 -36.22
CA ILE C 287 -10.89 -8.36 -34.84
C ILE C 287 -12.29 -9.01 -34.82
N SER C 288 -13.07 -8.71 -35.84
CA SER C 288 -14.44 -9.21 -35.98
C SER C 288 -14.51 -10.44 -36.88
N LEU C 289 -14.04 -11.59 -36.39
CA LEU C 289 -14.02 -12.81 -37.20
C LEU C 289 -14.29 -14.06 -36.37
N PHE D 2 -26.82 -28.51 7.84
CA PHE D 2 -28.23 -28.19 7.66
C PHE D 2 -29.17 -28.91 8.61
N HIS D 3 -30.34 -28.30 8.81
CA HIS D 3 -31.36 -28.85 9.68
C HIS D 3 -32.75 -28.47 9.18
N THR D 4 -33.76 -29.17 9.69
CA THR D 4 -35.14 -28.92 9.33
C THR D 4 -35.98 -28.95 10.60
N VAL D 5 -36.92 -28.01 10.72
CA VAL D 5 -37.73 -27.92 11.93
C VAL D 5 -39.11 -27.37 11.56
N ASP D 6 -40.09 -27.48 12.45
CA ASP D 6 -41.41 -26.95 12.15
C ASP D 6 -41.63 -25.62 12.87
N VAL D 7 -41.87 -24.57 12.10
CA VAL D 7 -42.13 -23.26 12.65
C VAL D 7 -43.57 -22.85 12.33
N LYS D 8 -44.43 -22.95 13.35
CA LYS D 8 -45.85 -22.61 13.23
C LYS D 8 -46.49 -23.32 12.04
N GLY D 9 -46.16 -24.60 11.87
CA GLY D 9 -46.74 -25.42 10.83
C GLY D 9 -46.03 -25.35 9.50
N VAL D 10 -44.88 -24.67 9.46
CA VAL D 10 -44.12 -24.58 8.22
C VAL D 10 -42.77 -25.28 8.32
N GLN D 11 -42.46 -26.14 7.35
CA GLN D 11 -41.19 -26.85 7.36
C GLN D 11 -40.07 -25.89 6.95
N THR D 12 -39.17 -25.65 7.88
CA THR D 12 -38.12 -24.67 7.73
C THR D 12 -36.72 -25.29 7.76
N ARG D 13 -35.95 -25.02 6.71
CA ARG D 13 -34.56 -25.43 6.64
C ARG D 13 -33.66 -24.32 7.15
N TYR D 14 -32.68 -24.69 7.97
CA TYR D 14 -31.76 -23.69 8.48
C TYR D 14 -30.34 -24.24 8.65
N PHE D 15 -29.39 -23.31 8.79
CA PHE D 15 -27.98 -23.62 8.92
C PHE D 15 -27.52 -23.08 10.26
N ASP D 16 -26.72 -23.87 10.97
CA ASP D 16 -26.25 -23.51 12.31
C ASP D 16 -24.77 -23.84 12.44
N ASP D 17 -23.99 -22.84 12.85
CA ASP D 17 -22.55 -22.98 13.02
C ASP D 17 -22.20 -23.85 14.22
N GLY D 18 -23.06 -23.84 15.22
CA GLY D 18 -22.87 -24.67 16.41
C GLY D 18 -21.79 -24.11 17.33
N GLN D 19 -21.22 -22.97 16.94
CA GLN D 19 -20.17 -22.34 17.74
C GLN D 19 -20.77 -21.78 19.01
N ASP D 20 -19.98 -21.68 20.07
CA ASP D 20 -20.49 -21.10 21.29
C ASP D 20 -20.11 -19.61 21.39
N LYS D 21 -20.82 -18.80 20.62
CA LYS D 21 -20.61 -17.35 20.56
C LYS D 21 -21.98 -16.72 20.42
N ASP D 22 -22.01 -15.39 20.41
CA ASP D 22 -23.27 -14.70 20.20
C ASP D 22 -23.70 -14.97 18.76
N PRO D 23 -24.99 -15.31 18.56
CA PRO D 23 -25.50 -15.74 17.26
C PRO D 23 -25.64 -14.61 16.24
N ILE D 24 -25.44 -14.96 14.98
CA ILE D 24 -25.59 -14.06 13.86
C ILE D 24 -26.61 -14.65 12.90
N LEU D 25 -27.74 -14.00 12.71
CA LEU D 25 -28.77 -14.57 11.85
C LEU D 25 -28.75 -13.88 10.49
N LEU D 26 -28.62 -14.70 9.45
CA LEU D 26 -28.53 -14.20 8.09
C LEU D 26 -29.87 -14.37 7.41
N ILE D 27 -30.42 -13.26 6.93
CA ILE D 27 -31.68 -13.29 6.21
C ILE D 27 -31.42 -12.88 4.76
N HIS D 28 -31.61 -13.81 3.84
CA HIS D 28 -31.27 -13.58 2.44
C HIS D 28 -32.30 -12.72 1.72
N GLY D 29 -31.95 -12.29 0.51
CA GLY D 29 -32.83 -11.45 -0.29
C GLY D 29 -33.89 -12.20 -1.07
N GLY D 30 -34.72 -11.45 -1.77
CA GLY D 30 -35.75 -12.04 -2.61
C GLY D 30 -37.02 -12.32 -1.83
N HIS D 31 -38.06 -12.71 -2.55
CA HIS D 31 -39.33 -13.07 -1.94
C HIS D 31 -39.91 -14.32 -2.59
N PHE D 32 -40.95 -14.89 -2.01
CA PHE D 32 -41.60 -16.06 -2.58
C PHE D 32 -42.17 -15.77 -3.97
N GLY D 33 -41.87 -16.65 -4.92
CA GLY D 33 -42.34 -16.50 -6.27
C GLY D 33 -41.42 -15.66 -7.11
N PHE D 34 -40.30 -15.25 -6.51
CA PHE D 34 -39.30 -14.46 -7.19
C PHE D 34 -38.74 -15.28 -8.33
N PHE D 35 -38.46 -14.63 -9.45
CA PHE D 35 -38.01 -15.35 -10.64
C PHE D 35 -36.64 -15.97 -10.45
N ILE D 36 -35.97 -15.61 -9.36
CA ILE D 36 -34.70 -16.23 -9.02
C ILE D 36 -34.79 -16.85 -7.63
N PRO D 37 -34.38 -18.12 -7.52
CA PRO D 37 -34.45 -18.77 -6.21
C PRO D 37 -33.32 -18.28 -5.32
N VAL D 38 -33.64 -17.96 -4.08
CA VAL D 38 -32.62 -17.50 -3.14
C VAL D 38 -32.72 -18.35 -1.90
N GLY D 39 -31.57 -18.78 -1.38
CA GLY D 39 -31.55 -19.66 -0.23
C GLY D 39 -30.33 -19.45 0.63
N ILE D 40 -30.11 -20.37 1.56
CA ILE D 40 -28.96 -20.30 2.45
C ILE D 40 -27.66 -20.29 1.65
N GLU D 41 -27.62 -21.10 0.59
CA GLU D 41 -26.43 -21.22 -0.24
C GLU D 41 -26.09 -19.91 -0.95
N SER D 42 -27.08 -19.04 -1.09
CA SER D 42 -26.87 -17.73 -1.71
C SER D 42 -25.91 -16.88 -0.87
N TRP D 43 -25.81 -17.19 0.41
CA TRP D 43 -24.88 -16.50 1.29
C TRP D 43 -23.44 -16.88 0.97
N GLY D 44 -23.29 -18.02 0.30
CA GLY D 44 -22.00 -18.46 -0.20
C GLY D 44 -20.95 -18.46 0.89
N ASN D 45 -19.86 -17.76 0.62
CA ASN D 45 -18.73 -17.73 1.53
C ASN D 45 -19.00 -17.11 2.90
N VAL D 46 -19.96 -16.19 3.02
CA VAL D 46 -20.11 -15.51 4.32
C VAL D 46 -20.44 -16.50 5.43
N LEU D 47 -21.10 -17.60 5.09
CA LEU D 47 -21.47 -18.61 6.06
C LEU D 47 -20.23 -19.09 6.81
N GLU D 48 -19.14 -19.29 6.07
CA GLU D 48 -17.88 -19.66 6.70
C GLU D 48 -17.20 -18.42 7.27
N ASP D 49 -17.23 -17.34 6.49
CA ASP D 49 -16.44 -16.16 6.79
C ASP D 49 -16.85 -15.50 8.10
N PHE D 50 -18.14 -15.51 8.40
CA PHE D 50 -18.64 -14.90 9.62
C PHE D 50 -18.44 -15.81 10.83
N GLY D 51 -17.75 -16.93 10.62
CA GLY D 51 -17.45 -17.84 11.72
C GLY D 51 -16.63 -17.20 12.81
N GLU D 52 -15.66 -16.35 12.43
CA GLU D 52 -14.84 -15.66 13.41
C GLU D 52 -15.63 -14.69 14.27
N TYR D 53 -16.58 -14.01 13.64
CA TYR D 53 -17.31 -12.95 14.32
C TYR D 53 -18.43 -13.47 15.20
N GLY D 54 -18.87 -14.70 14.95
CA GLY D 54 -19.88 -15.29 15.81
C GLY D 54 -20.38 -16.65 15.38
N ARG D 55 -21.45 -17.09 16.04
CA ARG D 55 -22.10 -18.35 15.71
C ARG D 55 -23.06 -18.09 14.57
N VAL D 56 -22.70 -18.54 13.38
CA VAL D 56 -23.47 -18.22 12.18
C VAL D 56 -24.69 -19.11 12.00
N LEU D 57 -25.80 -18.46 11.71
CA LEU D 57 -27.04 -19.15 11.39
C LEU D 57 -27.60 -18.52 10.14
N ALA D 58 -28.10 -19.34 9.23
CA ALA D 58 -28.77 -18.79 8.06
C ALA D 58 -30.09 -19.51 7.91
N VAL D 59 -31.14 -18.79 7.55
CA VAL D 59 -32.44 -19.45 7.49
C VAL D 59 -33.10 -19.18 6.15
N ASP D 60 -33.79 -20.20 5.65
CA ASP D 60 -34.55 -20.03 4.42
C ASP D 60 -35.85 -19.35 4.77
N LYS D 61 -36.18 -18.31 4.03
CA LYS D 61 -37.35 -17.53 4.34
C LYS D 61 -38.59 -18.27 3.90
N LEU D 62 -39.75 -17.77 4.29
CA LEU D 62 -41.03 -18.36 3.95
C LEU D 62 -41.15 -18.53 2.44
N GLY D 63 -41.45 -19.74 2.00
CA GLY D 63 -41.65 -20.00 0.57
C GLY D 63 -40.43 -19.87 -0.31
N GLN D 64 -39.24 -20.04 0.26
CA GLN D 64 -38.00 -19.96 -0.52
C GLN D 64 -37.04 -21.08 -0.15
N GLY D 65 -36.15 -21.43 -1.07
CA GLY D 65 -35.21 -22.52 -0.83
C GLY D 65 -35.95 -23.84 -0.63
N GLU D 66 -35.63 -24.51 0.47
CA GLU D 66 -36.27 -25.78 0.80
C GLU D 66 -37.31 -25.59 1.90
N THR D 67 -37.72 -24.34 2.10
CA THR D 67 -38.76 -24.03 3.09
C THR D 67 -40.13 -24.04 2.44
N GLY D 68 -41.13 -24.38 3.25
CA GLY D 68 -42.48 -24.52 2.75
C GLY D 68 -43.12 -23.19 2.42
N LEU D 69 -44.13 -23.23 1.56
CA LEU D 69 -44.87 -22.04 1.20
C LEU D 69 -45.71 -21.62 2.40
N PRO D 70 -46.18 -20.36 2.41
CA PRO D 70 -47.05 -19.93 3.50
C PRO D 70 -48.31 -20.78 3.56
N LEU D 71 -48.82 -20.99 4.77
CA LEU D 71 -49.98 -21.85 4.99
C LEU D 71 -51.24 -21.27 4.34
N ASN D 72 -51.36 -19.95 4.37
CA ASN D 72 -52.52 -19.27 3.80
C ASN D 72 -52.12 -18.14 2.86
N ASP D 73 -53.07 -17.73 2.02
CA ASP D 73 -52.85 -16.61 1.10
C ASP D 73 -52.69 -15.32 1.88
N GLU D 74 -53.27 -15.27 3.07
CA GLU D 74 -53.18 -14.10 3.94
C GLU D 74 -51.75 -13.95 4.47
N ASP D 75 -50.99 -15.03 4.42
CA ASP D 75 -49.62 -15.03 4.93
C ASP D 75 -48.60 -14.60 3.89
N TRP D 76 -49.07 -14.16 2.73
CA TRP D 76 -48.15 -13.66 1.72
C TRP D 76 -47.84 -12.19 1.98
N THR D 77 -47.37 -11.93 3.19
CA THR D 77 -47.04 -10.57 3.63
C THR D 77 -45.63 -10.49 4.17
N VAL D 78 -45.09 -9.27 4.19
CA VAL D 78 -43.75 -9.01 4.70
C VAL D 78 -43.66 -9.39 6.18
N ASP D 79 -44.73 -9.04 6.90
CA ASP D 79 -44.85 -9.30 8.32
C ASP D 79 -44.90 -10.78 8.65
N ALA D 80 -45.52 -11.57 7.78
CA ALA D 80 -45.57 -13.02 7.95
C ALA D 80 -44.18 -13.62 7.85
N VAL D 81 -43.39 -13.09 6.91
CA VAL D 81 -42.01 -13.51 6.72
C VAL D 81 -41.16 -13.17 7.95
N ALA D 82 -41.31 -11.93 8.41
CA ALA D 82 -40.56 -11.47 9.55
C ALA D 82 -40.91 -12.26 10.79
N GLU D 83 -42.21 -12.52 10.96
CA GLU D 83 -42.70 -13.25 12.11
C GLU D 83 -42.23 -14.70 12.05
N HIS D 84 -42.11 -15.23 10.83
CA HIS D 84 -41.60 -16.58 10.60
C HIS D 84 -40.16 -16.67 11.09
N VAL D 85 -39.36 -15.68 10.74
CA VAL D 85 -37.96 -15.65 11.19
C VAL D 85 -37.87 -15.46 12.70
N ALA D 86 -38.73 -14.61 13.26
CA ALA D 86 -38.75 -14.34 14.69
C ALA D 86 -39.14 -15.58 15.50
N ASN D 87 -40.18 -16.27 15.05
CA ASN D 87 -40.63 -17.51 15.67
C ASN D 87 -39.56 -18.57 15.56
N PHE D 88 -38.85 -18.55 14.43
CA PHE D 88 -37.74 -19.48 14.23
C PHE D 88 -36.68 -19.23 15.29
N ALA D 89 -36.35 -17.95 15.50
CA ALA D 89 -35.33 -17.56 16.48
C ALA D 89 -35.77 -17.87 17.91
N THR D 90 -37.06 -17.70 18.20
CA THR D 90 -37.61 -17.99 19.51
C THR D 90 -37.50 -19.50 19.77
N GLN D 91 -37.75 -20.26 18.72
CA GLN D 91 -37.71 -21.71 18.77
C GLN D 91 -36.30 -22.22 19.08
N LEU D 92 -35.29 -21.51 18.57
CA LEU D 92 -33.91 -21.91 18.77
C LEU D 92 -33.30 -21.27 20.02
N GLY D 93 -34.10 -20.51 20.76
CA GLY D 93 -33.64 -19.87 21.98
C GLY D 93 -32.53 -18.88 21.72
N LEU D 94 -32.56 -18.22 20.56
CA LEU D 94 -31.53 -17.25 20.21
C LEU D 94 -31.66 -15.96 21.01
N LYS D 95 -30.54 -15.48 21.53
CA LYS D 95 -30.47 -14.26 22.32
C LYS D 95 -29.17 -13.59 21.95
N ASN D 96 -29.06 -12.28 22.22
CA ASN D 96 -27.85 -11.54 21.89
C ASN D 96 -27.63 -11.63 20.38
N LEU D 97 -28.75 -11.68 19.66
CA LEU D 97 -28.76 -11.91 18.22
C LEU D 97 -28.24 -10.75 17.41
N THR D 98 -27.56 -11.07 16.32
CA THR D 98 -27.18 -10.04 15.35
C THR D 98 -27.87 -10.36 14.03
N LEU D 99 -28.66 -9.42 13.54
CA LEU D 99 -29.41 -9.64 12.31
C LEU D 99 -28.68 -9.03 11.14
N VAL D 100 -28.39 -9.87 10.15
CA VAL D 100 -27.75 -9.42 8.93
C VAL D 100 -28.68 -9.77 7.78
N GLY D 101 -29.28 -8.75 7.17
CA GLY D 101 -30.24 -8.98 6.11
C GLY D 101 -29.87 -8.29 4.82
N HIS D 102 -30.16 -8.97 3.72
CA HIS D 102 -29.82 -8.46 2.40
C HIS D 102 -31.10 -8.32 1.58
N SER D 103 -31.20 -7.23 0.82
CA SER D 103 -32.36 -6.95 -0.01
C SER D 103 -33.65 -7.02 0.80
N ARG D 104 -34.57 -7.89 0.38
CA ARG D 104 -35.84 -8.04 1.07
C ARG D 104 -35.62 -8.53 2.50
N GLY D 105 -34.57 -9.32 2.69
CA GLY D 105 -34.24 -9.82 4.00
C GLY D 105 -33.90 -8.68 4.93
N GLY D 106 -33.34 -7.62 4.36
CA GLY D 106 -32.97 -6.46 5.13
C GLY D 106 -34.24 -5.90 5.75
N MET D 107 -35.30 -5.88 4.96
CA MET D 107 -36.57 -5.35 5.43
C MET D 107 -37.00 -6.20 6.61
N THR D 108 -36.85 -7.50 6.46
CA THR D 108 -37.23 -8.43 7.51
C THR D 108 -36.48 -8.08 8.76
N ALA D 109 -35.17 -7.91 8.58
CA ALA D 109 -34.30 -7.69 9.70
C ALA D 109 -34.73 -6.42 10.41
N VAL D 110 -35.00 -5.37 9.62
CA VAL D 110 -35.33 -4.09 10.20
C VAL D 110 -36.54 -4.26 11.11
N LEU D 111 -37.53 -4.95 10.58
CA LEU D 111 -38.80 -5.08 11.27
C LEU D 111 -38.54 -5.75 12.61
N LEU D 112 -37.73 -6.80 12.58
CA LEU D 112 -37.49 -7.57 13.79
C LEU D 112 -36.84 -6.65 14.81
N ALA D 113 -35.86 -5.88 14.35
CA ALA D 113 -35.13 -4.99 15.23
C ALA D 113 -36.12 -4.01 15.85
N LEU D 114 -37.05 -3.55 15.03
CA LEU D 114 -38.07 -2.62 15.50
C LEU D 114 -39.04 -3.35 16.44
N LYS D 115 -39.44 -4.56 16.06
CA LYS D 115 -40.48 -5.26 16.80
C LYS D 115 -39.97 -6.01 18.03
N TYR D 116 -38.75 -6.54 17.96
CA TYR D 116 -38.21 -7.33 19.08
C TYR D 116 -36.80 -6.92 19.54
N PRO D 117 -36.66 -5.72 20.14
CA PRO D 117 -35.36 -5.24 20.61
C PRO D 117 -34.74 -6.10 21.71
N GLU D 118 -35.55 -6.81 22.49
CA GLU D 118 -35.02 -7.63 23.58
C GLU D 118 -34.13 -8.75 23.06
N MET D 119 -34.55 -9.35 21.95
CA MET D 119 -33.83 -10.46 21.33
C MET D 119 -32.63 -9.99 20.50
N VAL D 120 -32.79 -8.85 19.84
CA VAL D 120 -31.77 -8.34 18.94
C VAL D 120 -30.83 -7.35 19.62
N LYS D 121 -29.54 -7.48 19.32
CA LYS D 121 -28.52 -6.63 19.88
C LYS D 121 -27.90 -5.77 18.78
N LYS D 122 -27.90 -6.31 17.56
CA LYS D 122 -27.33 -5.59 16.42
C LYS D 122 -28.11 -5.85 15.14
N LEU D 123 -28.03 -4.89 14.23
CA LEU D 123 -28.74 -4.96 12.96
C LEU D 123 -27.82 -4.56 11.83
N VAL D 124 -27.81 -5.36 10.77
CA VAL D 124 -27.04 -5.05 9.59
C VAL D 124 -27.95 -5.07 8.37
N ILE D 125 -27.95 -3.96 7.63
CA ILE D 125 -28.75 -3.87 6.43
C ILE D 125 -27.82 -3.76 5.23
N ILE D 126 -27.97 -4.67 4.27
CA ILE D 126 -27.11 -4.65 3.09
C ILE D 126 -27.92 -4.49 1.82
N SER D 127 -27.69 -3.38 1.12
CA SER D 127 -28.26 -3.16 -0.21
C SER D 127 -29.76 -3.44 -0.26
N SER D 128 -30.48 -2.99 0.76
CA SER D 128 -31.90 -3.30 0.85
C SER D 128 -32.80 -2.16 0.36
N ALA D 129 -33.24 -2.26 -0.88
CA ALA D 129 -34.20 -1.32 -1.43
C ALA D 129 -35.55 -1.47 -0.76
N THR D 130 -35.81 -2.67 -0.24
CA THR D 130 -37.06 -3.00 0.43
C THR D 130 -37.26 -2.24 1.74
N ALA D 131 -36.22 -2.20 2.56
CA ALA D 131 -36.27 -1.46 3.82
C ALA D 131 -36.35 0.04 3.54
N ALA D 132 -35.66 0.46 2.48
CA ALA D 132 -35.62 1.87 2.11
C ALA D 132 -36.99 2.32 1.61
N PRO D 133 -37.19 3.65 1.46
CA PRO D 133 -38.45 4.10 0.88
C PRO D 133 -38.61 3.63 -0.56
N ALA D 134 -39.85 3.55 -1.03
CA ALA D 134 -40.11 3.10 -2.39
C ALA D 134 -39.48 4.08 -3.39
N PRO D 135 -39.02 3.56 -4.53
CA PRO D 135 -38.41 4.43 -5.55
C PRO D 135 -39.39 5.49 -6.01
N PRO D 136 -38.88 6.67 -6.38
CA PRO D 136 -39.75 7.79 -6.81
C PRO D 136 -40.56 7.48 -8.06
N VAL D 137 -39.97 6.76 -9.01
CA VAL D 137 -40.70 6.32 -10.20
C VAL D 137 -40.50 4.83 -10.44
N GLY D 138 -41.57 4.15 -10.84
CA GLY D 138 -41.47 2.73 -11.10
C GLY D 138 -41.61 1.91 -9.84
N THR D 139 -41.07 0.69 -9.87
CA THR D 139 -41.12 -0.18 -8.70
C THR D 139 -39.75 -0.78 -8.43
N ASP D 140 -39.60 -1.42 -7.26
CA ASP D 140 -38.34 -2.06 -6.89
C ASP D 140 -38.10 -3.30 -7.74
N MET D 141 -39.15 -3.74 -8.43
CA MET D 141 -39.12 -4.93 -9.28
C MET D 141 -38.80 -4.66 -10.76
N ASP D 142 -38.79 -3.39 -11.17
CA ASP D 142 -38.60 -3.06 -12.59
C ASP D 142 -37.30 -3.61 -13.17
N PHE D 143 -36.22 -3.47 -12.41
CA PHE D 143 -34.92 -3.99 -12.83
C PHE D 143 -35.03 -5.49 -13.06
N TYR D 144 -35.65 -6.17 -12.09
CA TYR D 144 -35.81 -7.62 -12.12
C TYR D 144 -36.75 -8.09 -13.24
N GLU D 145 -37.82 -7.33 -13.48
CA GLU D 145 -38.75 -7.65 -14.56
C GLU D 145 -37.99 -7.56 -15.88
N ARG D 146 -37.13 -6.53 -15.95
CA ARG D 146 -36.33 -6.26 -17.13
C ARG D 146 -35.39 -7.45 -17.38
N VAL D 147 -34.75 -7.88 -16.31
CA VAL D 147 -33.76 -8.96 -16.35
C VAL D 147 -34.42 -10.29 -16.71
N GLU D 148 -35.63 -10.49 -16.19
CA GLU D 148 -36.41 -11.71 -16.47
C GLU D 148 -36.86 -11.78 -17.93
N ARG D 149 -37.39 -10.68 -18.43
CA ARG D 149 -37.92 -10.63 -19.79
C ARG D 149 -36.86 -10.80 -20.87
N THR D 150 -35.61 -10.45 -20.54
CA THR D 150 -34.53 -10.50 -21.52
C THR D 150 -33.69 -11.76 -21.37
N ALA D 151 -34.11 -12.64 -20.47
CA ALA D 151 -33.33 -13.82 -20.15
C ALA D 151 -33.44 -14.83 -21.26
N PRO D 152 -32.31 -15.46 -21.60
CA PRO D 152 -32.35 -16.50 -22.65
C PRO D 152 -32.88 -17.81 -22.06
N GLY D 153 -33.37 -18.69 -22.91
CA GLY D 153 -33.96 -19.92 -22.42
C GLY D 153 -32.93 -20.78 -21.72
N GLY D 154 -33.36 -21.49 -20.69
CA GLY D 154 -32.47 -22.34 -19.92
C GLY D 154 -32.54 -21.97 -18.46
N SER D 155 -32.42 -22.96 -17.59
CA SER D 155 -32.49 -22.71 -16.16
C SER D 155 -31.19 -22.14 -15.62
N ALA D 156 -30.07 -22.78 -15.96
CA ALA D 156 -28.76 -22.26 -15.58
C ALA D 156 -28.49 -20.94 -16.28
N GLU D 157 -28.95 -20.85 -17.52
CA GLU D 157 -28.77 -19.65 -18.33
C GLU D 157 -29.44 -18.44 -17.69
N LEU D 158 -30.58 -18.69 -17.04
CA LEU D 158 -31.31 -17.65 -16.33
C LEU D 158 -30.51 -17.13 -15.15
N ILE D 159 -29.96 -18.07 -14.37
CA ILE D 159 -29.18 -17.70 -13.19
C ILE D 159 -27.93 -16.93 -13.58
N ARG D 160 -27.25 -17.40 -14.62
CA ARG D 160 -26.06 -16.70 -15.12
C ARG D 160 -26.43 -15.34 -15.67
N HIS D 161 -27.61 -15.26 -16.28
CA HIS D 161 -28.12 -14.00 -16.81
C HIS D 161 -28.30 -12.97 -15.69
N TYR D 162 -28.90 -13.41 -14.59
CA TYR D 162 -29.12 -12.54 -13.44
C TYR D 162 -27.80 -12.10 -12.81
N HIS D 163 -26.88 -13.06 -12.67
CA HIS D 163 -25.57 -12.75 -12.11
C HIS D 163 -24.85 -11.73 -12.96
N ALA D 164 -24.96 -11.88 -14.28
CA ALA D 164 -24.35 -10.91 -15.19
C ALA D 164 -25.05 -9.57 -15.03
N ALA D 165 -26.33 -9.61 -14.72
CA ALA D 165 -27.09 -8.38 -14.55
C ALA D 165 -26.61 -7.57 -13.36
N GLN D 166 -26.31 -8.23 -12.23
CA GLN D 166 -25.92 -7.47 -11.05
C GLN D 166 -24.46 -7.46 -10.64
N ALA D 167 -23.67 -8.42 -11.10
CA ALA D 167 -22.27 -8.47 -10.69
C ALA D 167 -21.51 -7.28 -11.24
N VAL D 168 -20.59 -6.75 -10.43
CA VAL D 168 -19.80 -5.58 -10.81
C VAL D 168 -18.32 -5.95 -10.77
N ASN D 169 -17.95 -6.70 -9.74
CA ASN D 169 -16.60 -7.22 -9.59
C ASN D 169 -16.81 -8.72 -9.68
N GLU D 170 -17.05 -9.15 -10.91
CA GLU D 170 -17.56 -10.48 -11.20
C GLU D 170 -16.58 -11.56 -11.54
N GLY D 171 -17.07 -12.79 -11.37
CA GLY D 171 -16.38 -13.99 -11.75
C GLY D 171 -17.51 -14.99 -11.89
N ASP D 172 -17.24 -16.15 -12.50
CA ASP D 172 -18.28 -17.15 -12.68
C ASP D 172 -18.80 -17.64 -11.33
N LEU D 173 -20.08 -17.92 -11.25
CA LEU D 173 -20.66 -18.39 -10.00
C LEU D 173 -20.14 -19.80 -9.72
N PRO D 174 -20.08 -20.18 -8.43
CA PRO D 174 -19.63 -21.54 -8.11
C PRO D 174 -20.58 -22.56 -8.72
N GLU D 175 -20.05 -23.65 -9.26
CA GLU D 175 -20.87 -24.65 -9.95
C GLU D 175 -21.90 -25.31 -9.04
N ASP D 176 -21.51 -25.52 -7.78
CA ASP D 176 -22.42 -26.13 -6.82
C ASP D 176 -23.64 -25.26 -6.59
N TYR D 177 -23.41 -23.95 -6.43
CA TYR D 177 -24.51 -23.03 -6.23
C TYR D 177 -25.42 -22.99 -7.44
N ILE D 178 -24.83 -23.01 -8.64
CA ILE D 178 -25.62 -23.01 -9.87
C ILE D 178 -26.50 -24.26 -9.90
N GLY D 179 -25.93 -25.39 -9.48
CA GLY D 179 -26.67 -26.64 -9.44
C GLY D 179 -27.83 -26.62 -8.47
N ILE D 180 -27.57 -26.12 -7.26
CA ILE D 180 -28.58 -26.06 -6.22
C ILE D 180 -29.71 -25.11 -6.60
N ALA D 181 -29.32 -23.94 -7.12
CA ALA D 181 -30.28 -22.91 -7.51
C ALA D 181 -31.12 -23.42 -8.68
N THR D 182 -30.49 -24.18 -9.57
CA THR D 182 -31.21 -24.77 -10.67
C THR D 182 -32.24 -25.74 -10.11
N LYS D 183 -31.80 -26.62 -9.20
CA LYS D 183 -32.71 -27.60 -8.62
C LYS D 183 -33.90 -26.93 -7.97
N TRP D 184 -33.65 -25.80 -7.34
CA TRP D 184 -34.72 -24.99 -6.76
C TRP D 184 -35.63 -24.48 -7.87
N LEU D 185 -35.05 -24.09 -9.00
CA LEU D 185 -35.80 -23.49 -10.11
C LEU D 185 -36.75 -24.48 -10.80
N GLU D 186 -36.30 -25.71 -11.04
CA GLU D 186 -37.22 -26.66 -11.66
C GLU D 186 -38.29 -27.18 -10.69
N SER D 187 -38.05 -27.00 -9.40
CA SER D 187 -38.93 -27.59 -8.39
C SER D 187 -40.38 -27.15 -8.55
N GLU D 188 -41.30 -28.03 -8.18
CA GLU D 188 -42.73 -27.75 -8.26
C GLU D 188 -43.11 -26.66 -7.27
N LYS D 189 -42.45 -26.63 -6.12
CA LYS D 189 -42.69 -25.61 -5.11
C LYS D 189 -42.40 -24.23 -5.68
N GLN D 190 -41.39 -24.14 -6.54
CA GLN D 190 -41.06 -22.87 -7.18
C GLN D 190 -42.21 -22.41 -8.07
N LEU D 191 -42.80 -23.34 -8.81
CA LEU D 191 -43.93 -23.05 -9.68
C LEU D 191 -45.11 -22.57 -8.85
N ASP D 192 -45.31 -23.26 -7.73
CA ASP D 192 -46.37 -22.95 -6.78
C ASP D 192 -46.14 -21.59 -6.14
N ALA D 193 -44.88 -21.24 -5.97
CA ALA D 193 -44.48 -19.96 -5.40
C ALA D 193 -44.80 -18.84 -6.37
N VAL D 194 -44.49 -19.05 -7.65
CA VAL D 194 -44.79 -18.06 -8.67
C VAL D 194 -46.29 -17.87 -8.78
N ALA D 195 -47.02 -18.98 -8.74
CA ALA D 195 -48.46 -18.94 -8.80
C ALA D 195 -49.04 -18.18 -7.61
N GLY D 196 -48.48 -18.46 -6.43
CA GLY D 196 -48.92 -17.80 -5.22
C GLY D 196 -48.63 -16.31 -5.23
N TYR D 197 -47.49 -15.94 -5.79
CA TYR D 197 -47.12 -14.52 -5.87
C TYR D 197 -48.10 -13.82 -6.80
N ALA D 198 -48.27 -14.36 -8.00
CA ALA D 198 -49.15 -13.76 -9.00
C ALA D 198 -50.57 -13.65 -8.46
N ARG D 199 -50.97 -14.64 -7.67
CA ARG D 199 -52.30 -14.67 -7.06
C ARG D 199 -52.47 -13.63 -5.94
N ASN D 200 -51.46 -13.50 -5.08
CA ASN D 200 -51.57 -12.69 -3.87
C ASN D 200 -50.75 -11.41 -3.82
N ALA D 201 -50.09 -11.07 -4.91
CA ALA D 201 -49.23 -9.89 -4.93
C ALA D 201 -50.02 -8.61 -4.63
N GLU D 202 -51.05 -8.37 -5.45
CA GLU D 202 -51.82 -7.15 -5.36
C GLU D 202 -52.69 -7.07 -4.11
N GLU D 203 -53.31 -8.19 -3.72
CA GLU D 203 -54.18 -8.20 -2.55
C GLU D 203 -53.42 -8.14 -1.22
N HIS D 204 -52.33 -8.90 -1.12
CA HIS D 204 -51.65 -9.05 0.17
C HIS D 204 -50.21 -8.54 0.21
N TRP D 205 -49.37 -9.02 -0.70
CA TRP D 205 -47.93 -8.76 -0.63
C TRP D 205 -47.56 -7.29 -0.80
N LEU D 206 -47.98 -6.70 -1.92
CA LEU D 206 -47.59 -5.33 -2.21
C LEU D 206 -48.15 -4.32 -1.19
N PRO D 207 -49.41 -4.50 -0.73
CA PRO D 207 -49.86 -3.60 0.33
C PRO D 207 -49.04 -3.72 1.62
N SER D 208 -48.66 -4.94 1.99
CA SER D 208 -47.86 -5.17 3.18
C SER D 208 -46.50 -4.53 3.00
N LEU D 209 -46.01 -4.54 1.75
CA LEU D 209 -44.74 -3.91 1.44
C LEU D 209 -44.82 -2.40 1.65
N SER D 210 -45.82 -1.75 1.06
CA SER D 210 -45.94 -0.30 1.17
C SER D 210 -46.20 0.13 2.62
N GLU D 211 -47.12 -0.56 3.29
CA GLU D 211 -47.46 -0.25 4.67
C GLU D 211 -46.26 -0.50 5.58
N GLY D 212 -45.48 -1.52 5.25
CA GLY D 212 -44.27 -1.85 5.98
C GLY D 212 -43.25 -0.75 5.86
N ARG D 213 -43.07 -0.25 4.64
CA ARG D 213 -42.13 0.84 4.40
C ARG D 213 -42.56 2.07 5.18
N ARG D 214 -43.86 2.31 5.16
CA ARG D 214 -44.46 3.45 5.88
C ARG D 214 -44.23 3.34 7.38
N TRP D 215 -44.40 2.14 7.93
CA TRP D 215 -44.18 1.91 9.35
C TRP D 215 -42.72 2.09 9.73
N VAL D 216 -41.82 1.52 8.93
CA VAL D 216 -40.40 1.64 9.20
C VAL D 216 -40.01 3.12 9.21
N GLN D 217 -40.53 3.86 8.23
CA GLN D 217 -40.28 5.29 8.13
C GLN D 217 -40.82 6.02 9.38
N GLU D 218 -41.96 5.57 9.87
CA GLU D 218 -42.55 6.14 11.09
C GLU D 218 -41.65 5.94 12.30
N ARG D 219 -41.16 4.72 12.47
CA ARG D 219 -40.31 4.40 13.61
C ARG D 219 -38.98 5.14 13.54
N LEU D 220 -38.45 5.27 12.33
CA LEU D 220 -37.19 5.95 12.13
C LEU D 220 -37.31 7.44 12.49
N ALA D 221 -38.48 8.02 12.23
CA ALA D 221 -38.73 9.41 12.53
C ALA D 221 -39.10 9.62 13.99
N ASP D 222 -39.36 8.53 14.70
CA ASP D 222 -39.77 8.62 16.09
C ASP D 222 -38.59 8.37 17.03
N ALA D 223 -38.26 7.11 17.24
CA ALA D 223 -37.18 6.75 18.17
C ALA D 223 -36.01 6.09 17.44
N GLY D 224 -36.18 5.83 16.15
CA GLY D 224 -35.14 5.18 15.37
C GLY D 224 -35.08 3.70 15.71
N ILE D 225 -34.03 3.04 15.24
CA ILE D 225 -33.88 1.61 15.53
C ILE D 225 -33.28 1.45 16.93
N PRO D 226 -33.81 0.49 17.70
CA PRO D 226 -33.41 0.34 19.11
C PRO D 226 -32.07 -0.38 19.30
N VAL D 227 -31.38 -0.70 18.22
CA VAL D 227 -30.11 -1.40 18.31
C VAL D 227 -29.07 -0.74 17.42
N PRO D 228 -27.78 -1.00 17.69
CA PRO D 228 -26.73 -0.49 16.81
C PRO D 228 -26.97 -0.92 15.37
N THR D 229 -26.90 0.00 14.43
CA THR D 229 -27.26 -0.31 13.06
C THR D 229 -26.11 -0.02 12.10
N LEU D 230 -25.91 -0.92 11.16
CA LEU D 230 -24.91 -0.72 10.13
C LEU D 230 -25.56 -0.90 8.78
N VAL D 231 -25.35 0.07 7.91
CA VAL D 231 -25.90 -0.01 6.58
C VAL D 231 -24.75 -0.23 5.62
N VAL D 232 -24.85 -1.25 4.79
CA VAL D 232 -23.77 -1.54 3.86
C VAL D 232 -24.35 -1.42 2.47
N TRP D 233 -23.60 -0.81 1.56
CA TRP D 233 -24.10 -0.64 0.21
C TRP D 233 -22.97 -0.63 -0.79
N GLY D 234 -23.29 -1.00 -2.03
CA GLY D 234 -22.31 -1.00 -3.09
C GLY D 234 -22.57 0.22 -3.94
N VAL D 235 -21.51 0.95 -4.26
CA VAL D 235 -21.62 2.19 -5.01
C VAL D 235 -22.18 1.91 -6.40
N ASN D 236 -21.88 0.73 -6.93
CA ASN D 236 -22.30 0.42 -8.28
C ASN D 236 -23.53 -0.51 -8.36
N ASN D 237 -24.32 -0.54 -7.28
CA ASN D 237 -25.52 -1.35 -7.25
C ASN D 237 -26.49 -0.96 -8.37
N ARG D 238 -26.89 -1.96 -9.15
CA ARG D 238 -27.67 -1.75 -10.37
C ARG D 238 -29.19 -1.86 -10.20
N SER D 239 -29.63 -2.77 -9.33
CA SER D 239 -31.05 -2.88 -8.99
C SER D 239 -31.53 -1.71 -8.13
N ALA D 240 -30.78 -1.44 -7.06
CA ALA D 240 -31.10 -0.38 -6.12
C ALA D 240 -30.00 0.67 -6.03
N PRO D 241 -30.29 1.90 -6.47
CA PRO D 241 -29.29 2.97 -6.55
C PRO D 241 -28.71 3.31 -5.19
N VAL D 242 -27.49 3.83 -5.17
CA VAL D 242 -26.82 4.22 -3.92
C VAL D 242 -27.57 5.33 -3.22
N SER D 243 -28.20 6.19 -4.01
CA SER D 243 -28.91 7.34 -3.49
C SER D 243 -29.97 6.95 -2.47
N MET D 244 -30.72 5.89 -2.77
CA MET D 244 -31.74 5.42 -1.83
C MET D 244 -31.11 4.78 -0.61
N GLY D 245 -29.92 4.22 -0.77
CA GLY D 245 -29.17 3.67 0.34
C GLY D 245 -28.73 4.77 1.30
N LYS D 246 -28.22 5.86 0.73
CA LYS D 246 -27.80 7.02 1.48
C LYS D 246 -28.97 7.68 2.18
N GLY D 247 -30.09 7.77 1.46
CA GLY D 247 -31.31 8.35 1.99
C GLY D 247 -31.84 7.54 3.15
N LEU D 248 -31.76 6.22 3.00
CA LEU D 248 -32.18 5.31 4.05
C LEU D 248 -31.29 5.55 5.25
N PHE D 249 -30.00 5.76 4.99
CA PHE D 249 -29.08 6.06 6.08
C PHE D 249 -29.43 7.37 6.76
N ASP D 250 -29.87 8.37 6.01
CA ASP D 250 -30.26 9.64 6.60
C ASP D 250 -31.46 9.44 7.52
N LEU D 251 -32.41 8.63 7.07
CA LEU D 251 -33.61 8.35 7.84
C LEU D 251 -33.27 7.62 9.13
N ILE D 252 -32.34 6.68 9.05
CA ILE D 252 -31.92 5.94 10.25
C ILE D 252 -31.15 6.86 11.19
N ALA D 253 -30.21 7.61 10.64
CA ALA D 253 -29.32 8.50 11.40
C ALA D 253 -30.08 9.62 12.08
N ALA D 254 -31.29 9.91 11.60
CA ALA D 254 -32.09 10.99 12.17
C ALA D 254 -32.30 10.80 13.67
N ASN D 255 -32.70 9.60 14.08
CA ASN D 255 -32.94 9.32 15.49
C ASN D 255 -32.22 8.09 16.04
N THR D 256 -31.43 7.41 15.22
CA THR D 256 -30.65 6.29 15.71
C THR D 256 -29.20 6.73 15.89
N LEU D 257 -28.82 7.07 17.11
CA LEU D 257 -27.47 7.58 17.36
C LEU D 257 -26.40 6.53 17.07
N ASP D 258 -26.64 5.30 17.49
CA ASP D 258 -25.68 4.23 17.29
C ASP D 258 -25.90 3.59 15.92
N SER D 259 -25.46 4.29 14.87
CA SER D 259 -25.61 3.81 13.51
C SER D 259 -24.44 4.26 12.64
N SER D 260 -24.20 3.55 11.55
CA SER D 260 -23.13 3.91 10.63
C SER D 260 -23.43 3.45 9.21
N LEU D 261 -22.78 4.09 8.24
CA LEU D 261 -22.95 3.73 6.84
C LEU D 261 -21.61 3.41 6.18
N TYR D 262 -21.56 2.27 5.53
CA TYR D 262 -20.37 1.86 4.80
C TYR D 262 -20.70 1.67 3.32
N LEU D 263 -20.04 2.47 2.49
CA LEU D 263 -20.22 2.39 1.06
C LEU D 263 -18.96 1.80 0.46
N ILE D 264 -19.13 0.78 -0.37
CA ILE D 264 -17.99 0.13 -0.99
C ILE D 264 -18.02 0.36 -2.49
N ASN D 265 -16.91 0.86 -3.03
CA ASN D 265 -16.81 1.07 -4.47
C ASN D 265 -16.50 -0.26 -5.16
N ASN D 266 -16.79 -0.33 -6.46
CA ASN D 266 -16.56 -1.53 -7.26
C ASN D 266 -17.32 -2.72 -6.68
N ALA D 267 -18.55 -2.46 -6.28
CA ALA D 267 -19.43 -3.50 -5.77
C ALA D 267 -20.87 -3.23 -6.18
N GLY D 268 -21.68 -4.28 -6.28
CA GLY D 268 -23.06 -4.12 -6.66
C GLY D 268 -24.00 -4.50 -5.54
N HIS D 269 -25.11 -5.14 -5.91
CA HIS D 269 -26.12 -5.57 -4.94
C HIS D 269 -25.53 -6.65 -4.04
N HIS D 270 -24.74 -7.53 -4.62
CA HIS D 270 -24.08 -8.59 -3.87
C HIS D 270 -22.69 -8.11 -3.42
N VAL D 271 -22.68 -7.22 -2.44
CA VAL D 271 -21.44 -6.61 -1.96
C VAL D 271 -20.50 -7.64 -1.36
N PHE D 272 -21.06 -8.55 -0.56
CA PHE D 272 -20.28 -9.58 0.10
C PHE D 272 -19.59 -10.50 -0.90
N SER D 273 -20.21 -10.64 -2.07
CA SER D 273 -19.63 -11.40 -3.16
C SER D 273 -18.61 -10.54 -3.90
N ASP D 274 -19.06 -9.37 -4.34
CA ASP D 274 -18.25 -8.45 -5.14
C ASP D 274 -16.97 -7.97 -4.46
N GLN D 275 -17.09 -7.58 -3.19
CA GLN D 275 -15.95 -7.11 -2.42
C GLN D 275 -15.91 -7.81 -1.06
N ARG D 276 -15.59 -9.10 -1.13
CA ARG D 276 -15.65 -10.01 0.00
C ARG D 276 -14.79 -9.59 1.19
N GLU D 277 -13.53 -9.26 0.92
CA GLU D 277 -12.59 -8.95 2.00
C GLU D 277 -12.99 -7.70 2.79
N LYS D 278 -13.32 -6.61 2.10
CA LYS D 278 -13.77 -5.41 2.78
C LYS D 278 -15.08 -5.64 3.53
N PHE D 279 -15.98 -6.41 2.93
CA PHE D 279 -17.27 -6.66 3.54
C PHE D 279 -17.05 -7.38 4.86
N ASN D 280 -16.22 -8.42 4.84
CA ASN D 280 -15.94 -9.19 6.05
C ASN D 280 -15.22 -8.35 7.10
N ALA D 281 -14.26 -7.55 6.65
CA ALA D 281 -13.50 -6.70 7.55
C ALA D 281 -14.41 -5.70 8.27
N ALA D 282 -15.20 -4.96 7.49
CA ALA D 282 -16.04 -3.91 8.02
C ALA D 282 -17.17 -4.45 8.89
N VAL D 283 -17.98 -5.33 8.30
CA VAL D 283 -19.15 -5.88 8.99
C VAL D 283 -18.69 -6.68 10.20
N GLY D 284 -17.59 -7.41 10.05
CA GLY D 284 -17.02 -8.18 11.12
C GLY D 284 -16.56 -7.27 12.25
N ALA D 285 -15.99 -6.14 11.90
CA ALA D 285 -15.58 -5.14 12.88
C ALA D 285 -16.80 -4.63 13.64
N PHE D 286 -17.90 -4.42 12.92
CA PHE D 286 -19.12 -3.94 13.54
C PHE D 286 -19.72 -4.98 14.50
N ILE D 287 -19.66 -6.25 14.12
CA ILE D 287 -20.20 -7.30 14.96
C ILE D 287 -19.38 -7.56 16.23
N SER D 288 -18.07 -7.39 16.13
CA SER D 288 -17.21 -7.70 17.27
C SER D 288 -16.82 -6.46 18.04
N LEU D 289 -17.80 -5.81 18.66
CA LEU D 289 -17.54 -4.63 19.48
C LEU D 289 -18.63 -4.49 20.55
C1 1BO E . -6.55 17.39 14.59
C2 1BO E . -7.50 18.53 14.89
C3 1BO E . -7.53 19.50 13.73
C4 1BO E . -8.83 20.28 13.76
OH 1BO E . -8.92 21.15 12.66
O8 PHT F . -11.16 19.75 7.69
O9 PHT F . -9.55 19.84 6.23
C10 PHT F . -8.36 20.68 9.48
O11 PHT F . -9.04 19.66 9.77
O12 PHT F . -7.14 20.67 9.77
C7 PHT F . -10.19 20.37 7.18
C1 PHT F . -8.63 23.14 9.26
C2 PHT F . -8.95 21.88 8.79
C3 PHT F . -9.81 21.74 7.70
C4 PHT F . -10.33 22.88 7.10
C5 PHT F . -10.00 24.13 7.57
C6 PHT F . -9.14 24.27 8.66
O8 PHT G . 39.87 -6.36 16.14
O9 PHT G . 40.17 -8.23 17.24
C10 PHT G . 37.35 -8.66 15.31
O11 PHT G . 36.86 -7.51 15.42
O12 PHT G . 36.80 -9.63 15.91
C7 PHT G . 39.95 -7.62 16.16
C1 PHT G . 38.48 -9.61 13.29
C2 PHT G . 38.58 -8.90 14.47
C3 PHT G . 39.81 -8.41 14.87
C4 PHT G . 40.94 -8.62 14.09
C5 PHT G . 40.83 -9.34 12.91
C6 PHT G . 39.60 -9.84 12.50
O8 PHT H . 9.81 -0.37 -33.96
O9 PHT H . 9.74 -2.12 -32.65
C10 PHT H . 9.24 0.91 -30.86
O11 PHT H . 8.84 2.08 -31.07
O12 PHT H . 8.41 0.02 -30.52
C7 PHT H . 10.17 -0.97 -32.91
C1 PHT H . 11.63 1.16 -30.15
C2 PHT H . 10.71 0.57 -31.00
C3 PHT H . 11.15 -0.32 -31.98
C4 PHT H . 12.50 -0.60 -32.09
C5 PHT H . 13.42 -0.02 -31.24
C6 PHT H . 12.98 0.87 -30.26
O8 PHT I . -34.09 -4.74 -1.61
O9 PHT I . -32.68 -4.92 -3.27
C10 PHT I . -33.78 -8.00 -3.00
O11 PHT I . -33.70 -7.98 -1.74
O12 PHT I . -32.96 -8.70 -3.65
C7 PHT I . -33.82 -5.12 -2.78
C1 PHT I . -35.79 -7.86 -4.49
C2 PHT I . -34.84 -7.20 -3.71
C3 PHT I . -34.86 -5.83 -3.62
C4 PHT I . -35.82 -5.09 -4.29
C5 PHT I . -36.77 -5.73 -5.06
C6 PHT I . -36.75 -7.12 -5.16
#